data_8CX4
#
_entry.id   8CX4
#
_cell.length_a   83.226
_cell.length_b   51.731
_cell.length_c   98.411
_cell.angle_alpha   90.000
_cell.angle_beta   97.000
_cell.angle_gamma   90.000
#
_symmetry.space_group_name_H-M   'P 1 21 1'
#
loop_
_entity.id
_entity.type
_entity.pdbx_description
1 polymer 'MHC class I antigen'
2 polymer Beta-2-microglobulin
3 polymer YEIH
4 polymer AS8.4a
5 polymer AS8.4b
6 non-polymer GLYCEROL
7 water water
#
loop_
_entity_poly.entity_id
_entity_poly.type
_entity_poly.pdbx_seq_one_letter_code
_entity_poly.pdbx_strand_id
1 'polypeptide(L)'
;MGSHSMRYFHTSVSRPGRGEPRFITVGYVDDTLFVRFDSDAASPREEPRAPWIEQEGPEYWDRETQISKAKAQTDREDLR
TLLRYYNQSEAGSHTLQNMYGCDVGPDGRLLRGYHQDAYDGKDYIALNEDLSSWTAADTAAQITQRKWEAARVAEQLRAY
LEGECVEWLRRYLENGKETLQRADPPKTHVTHHPISDHEATLRCWALGFYPAEITLTWQRDGEDQTQDTELVETRPAGDR
TFQKWAAVVVPSGEEQRYTCHVQHEGLPKPLTLRWEPSS
;
A
2 'polypeptide(L)'
;MIQRTPKIQVYSRHPAENGKSNFLNCYVSGFHPSDIEVDLLKNGERIEKVEHSDLSFSKDWSFYLLYYTEFTPTEKDEYA
CRVNHVTLSQPKIVKWDRDM
;
B
3 'polypeptide(L)' LRVMMLAPF C
4 'polypeptide(L)'
;KQEVTQIPAALSVPEGENLVLNCSFTDSAIYNLQWFRQDPGKGLTSLLLIQSSQREQTSGRLNASLDKSSGRSTLYIAAS
QPGDSATYLCAVNSPGSGAGSYQLTFGKGTKLSVIPNIQNPDPAVYQLRDSKSSDKSVCLFTDFDSQTNVSQSKDSDVYI
TDKCVLDMRSMDFKSNSAVAWSNKSDFACANAFNNSIIPEDTFFPSPESS
;
D
5 'polypeptide(L)'
;DSGVTQTPKHLITATGQRVTLRCSPRSGDLSVYWYQQSLDQGLQFLIQYYNGEERAKGNILERFSAQQFPDLHSELNLSS
LELGDSALYFCASSVGTYSTDTQYFGPGTRLTVLEDLKNVFPPEVAVFEPSEAEISHTQKATLVCLATGFYPDHVELSWW
VNGKEVHSGVCTDPQPLKEQPALNDSRYALSSRLRVSATFWQNPRNHFRCQVQFYGLSENDEWTQDRAKPVTQIVSAEAW
GRAD
;
F
#
loop_
_chem_comp.id
_chem_comp.type
_chem_comp.name
_chem_comp.formula
GOL non-polymer GLYCEROL 'C3 H8 O3'
#
# COMPACT_ATOMS: atom_id res chain seq x y z
N GLY A 2 27.76 -20.66 -3.66
CA GLY A 2 27.79 -20.53 -5.10
C GLY A 2 26.66 -19.67 -5.63
N SER A 3 26.42 -19.72 -6.94
CA SER A 3 25.34 -18.94 -7.53
C SER A 3 23.99 -19.60 -7.24
N HIS A 4 23.03 -18.79 -6.79
CA HIS A 4 21.71 -19.30 -6.42
C HIS A 4 20.64 -18.36 -6.96
N SER A 5 19.39 -18.84 -6.91
CA SER A 5 18.27 -18.07 -7.44
C SER A 5 17.00 -18.42 -6.67
N MET A 6 16.11 -17.43 -6.60
CA MET A 6 14.74 -17.59 -6.13
C MET A 6 13.82 -17.10 -7.22
N ARG A 7 12.73 -17.84 -7.46
CA ARG A 7 11.82 -17.54 -8.55
C ARG A 7 10.39 -17.81 -8.11
N TYR A 8 9.46 -17.01 -8.62
CA TYR A 8 8.03 -17.25 -8.42
C TYR A 8 7.37 -17.27 -9.79
N PHE A 9 6.70 -18.37 -10.11
CA PHE A 9 6.02 -18.53 -11.39
C PHE A 9 4.52 -18.45 -11.18
N HIS A 10 3.83 -17.83 -12.13
CA HIS A 10 2.39 -17.64 -12.05
C HIS A 10 1.77 -17.93 -13.40
N THR A 11 0.64 -18.62 -13.37
CA THR A 11 -0.12 -18.92 -14.59
C THR A 11 -1.59 -18.77 -14.29
N SER A 12 -2.26 -17.93 -15.06
CA SER A 12 -3.69 -17.75 -14.98
C SER A 12 -4.28 -18.09 -16.35
N VAL A 13 -5.23 -19.01 -16.37
CA VAL A 13 -5.87 -19.44 -17.60
C VAL A 13 -7.37 -19.22 -17.43
N SER A 14 -7.94 -18.43 -18.32
CA SER A 14 -9.36 -18.12 -18.23
C SER A 14 -10.20 -19.23 -18.85
N ARG A 15 -11.38 -19.45 -18.27
CA ARG A 15 -12.37 -20.40 -18.75
C ARG A 15 -13.74 -19.72 -18.74
N PRO A 16 -14.02 -18.89 -19.75
CA PRO A 16 -15.26 -18.10 -19.73
C PRO A 16 -16.49 -18.99 -19.75
N GLY A 17 -17.48 -18.64 -18.92
CA GLY A 17 -18.69 -19.42 -18.79
C GLY A 17 -18.56 -20.64 -17.92
N ARG A 18 -17.35 -21.16 -17.76
CA ARG A 18 -17.08 -22.29 -16.86
C ARG A 18 -16.73 -21.85 -15.45
N GLY A 19 -16.49 -20.56 -15.22
CA GLY A 19 -16.21 -20.07 -13.89
C GLY A 19 -14.98 -19.19 -13.82
N GLU A 20 -14.28 -19.23 -12.69
CA GLU A 20 -13.10 -18.40 -12.47
C GLU A 20 -11.90 -18.98 -13.20
N PRO A 21 -10.96 -18.14 -13.63
CA PRO A 21 -9.74 -18.65 -14.24
C PRO A 21 -8.96 -19.54 -13.28
N ARG A 22 -8.34 -20.58 -13.83
CA ARG A 22 -7.45 -21.43 -13.06
C ARG A 22 -6.16 -20.67 -12.77
N PHE A 23 -5.74 -20.65 -11.51
CA PHE A 23 -4.54 -19.94 -11.10
C PHE A 23 -3.64 -20.91 -10.37
N ILE A 24 -2.40 -21.04 -10.83
CA ILE A 24 -1.39 -21.88 -10.19
C ILE A 24 -0.11 -21.08 -10.09
N THR A 25 0.43 -20.97 -8.88
CA THR A 25 1.73 -20.34 -8.69
C THR A 25 2.65 -21.26 -7.92
N VAL A 26 3.93 -21.23 -8.26
CA VAL A 26 4.94 -22.06 -7.62
C VAL A 26 6.14 -21.18 -7.29
N GLY A 27 6.86 -21.58 -6.25
CA GLY A 27 8.11 -20.92 -5.87
C GLY A 27 9.26 -21.92 -5.93
N TYR A 28 10.42 -21.44 -6.38
CA TYR A 28 11.59 -22.27 -6.58
C TYR A 28 12.81 -21.57 -5.98
N VAL A 29 13.57 -22.29 -5.18
CA VAL A 29 14.95 -21.93 -4.87
C VAL A 29 15.82 -22.88 -5.68
N ASP A 30 16.57 -22.34 -6.63
CA ASP A 30 17.38 -23.12 -7.57
C ASP A 30 16.43 -24.09 -8.26
N ASP A 31 16.73 -25.40 -8.31
CA ASP A 31 15.86 -26.39 -8.92
C ASP A 31 14.98 -27.11 -7.90
N THR A 32 14.68 -26.46 -6.78
CA THR A 32 13.88 -27.04 -5.71
C THR A 32 12.59 -26.25 -5.56
N LEU A 33 11.46 -26.92 -5.80
CA LEU A 33 10.14 -26.35 -5.53
C LEU A 33 9.90 -26.33 -4.03
N PHE A 34 9.58 -25.16 -3.48
CA PHE A 34 9.37 -25.06 -2.03
C PHE A 34 7.99 -24.56 -1.61
N VAL A 35 7.23 -23.94 -2.51
CA VAL A 35 5.87 -23.50 -2.21
C VAL A 35 5.01 -23.62 -3.47
N ARG A 36 3.71 -23.80 -3.24
CA ARG A 36 2.74 -23.89 -4.33
C ARG A 36 1.39 -23.33 -3.87
N PHE A 37 0.61 -22.86 -4.83
CA PHE A 37 -0.78 -22.45 -4.58
C PHE A 37 -1.58 -22.77 -5.84
N ASP A 38 -2.67 -23.50 -5.66
CA ASP A 38 -3.57 -23.86 -6.76
C ASP A 38 -4.98 -23.41 -6.40
N SER A 39 -5.66 -22.76 -7.35
CA SER A 39 -7.02 -22.29 -7.11
C SER A 39 -8.01 -23.45 -7.10
N ASP A 40 -7.71 -24.54 -7.81
CA ASP A 40 -8.56 -25.74 -7.78
C ASP A 40 -8.31 -26.62 -6.57
N ALA A 41 -7.45 -26.22 -5.64
CA ALA A 41 -7.20 -27.03 -4.46
C ALA A 41 -8.26 -26.75 -3.40
N ALA A 42 -8.66 -27.80 -2.69
CA ALA A 42 -9.60 -27.63 -1.59
C ALA A 42 -9.05 -26.65 -0.56
N SER A 43 -7.78 -26.84 -0.18
CA SER A 43 -7.06 -25.89 0.65
C SER A 43 -6.65 -24.69 -0.19
N PRO A 44 -7.30 -23.54 -0.03
CA PRO A 44 -6.99 -22.35 -0.83
C PRO A 44 -5.84 -21.55 -0.24
N ARG A 45 -4.73 -22.22 0.05
CA ARG A 45 -3.62 -21.61 0.76
C ARG A 45 -2.30 -22.05 0.14
N GLU A 46 -1.28 -21.24 0.35
CA GLU A 46 0.09 -21.60 -0.03
C GLU A 46 0.55 -22.78 0.81
N GLU A 47 0.95 -23.86 0.16
CA GLU A 47 1.39 -25.13 0.73
C GLU A 47 2.91 -25.26 0.69
N PRO A 48 3.50 -25.86 1.72
CA PRO A 48 4.94 -26.13 1.69
C PRO A 48 5.25 -27.29 0.77
N ARG A 49 6.37 -27.18 0.05
CA ARG A 49 6.80 -28.23 -0.86
C ARG A 49 8.21 -28.73 -0.58
N ALA A 50 8.94 -28.11 0.33
CA ALA A 50 10.23 -28.58 0.81
C ALA A 50 10.23 -28.55 2.33
N PRO A 51 10.97 -29.45 2.96
CA PRO A 51 10.93 -29.53 4.44
C PRO A 51 11.49 -28.30 5.13
N TRP A 52 12.46 -27.62 4.54
CA TRP A 52 13.11 -26.51 5.21
C TRP A 52 12.27 -25.24 5.24
N ILE A 53 11.16 -25.19 4.51
CA ILE A 53 10.24 -24.05 4.59
C ILE A 53 9.16 -24.26 5.63
N GLU A 54 9.03 -25.46 6.19
CA GLU A 54 8.00 -25.74 7.18
C GLU A 54 8.31 -25.14 8.54
N GLN A 55 9.54 -24.71 8.78
CA GLN A 55 9.86 -24.02 10.02
C GLN A 55 9.40 -22.57 10.00
N GLU A 56 8.78 -22.12 8.92
CA GLU A 56 8.24 -20.77 8.88
C GLU A 56 6.91 -20.72 9.61
N GLY A 57 6.72 -19.66 10.39
CA GLY A 57 5.60 -19.57 11.27
C GLY A 57 4.30 -19.31 10.54
N PRO A 58 3.20 -19.22 11.30
CA PRO A 58 1.89 -18.98 10.67
C PRO A 58 1.79 -17.62 10.00
N GLU A 59 2.39 -16.59 10.59
CA GLU A 59 2.34 -15.25 9.98
C GLU A 59 2.89 -15.29 8.56
N TYR A 60 3.90 -16.13 8.32
CA TYR A 60 4.45 -16.25 6.97
C TYR A 60 3.46 -16.92 6.02
N TRP A 61 2.82 -17.99 6.47
CA TRP A 61 1.94 -18.74 5.58
C TRP A 61 0.66 -17.97 5.28
N ASP A 62 0.23 -17.11 6.20
CA ASP A 62 -0.91 -16.25 5.90
C ASP A 62 -0.56 -15.22 4.84
N ARG A 63 0.58 -14.54 5.03
CA ARG A 63 1.03 -13.51 4.07
C ARG A 63 1.18 -14.09 2.67
N GLU A 64 1.76 -15.29 2.55
CA GLU A 64 1.95 -15.84 1.21
C GLU A 64 0.63 -16.28 0.60
N THR A 65 -0.36 -16.66 1.43
CA THR A 65 -1.67 -17.05 0.92
C THR A 65 -2.44 -15.85 0.39
N GLN A 66 -2.45 -14.75 1.13
CA GLN A 66 -3.17 -13.56 0.68
C GLN A 66 -2.53 -12.99 -0.59
N ILE A 67 -1.20 -13.02 -0.68
CA ILE A 67 -0.53 -12.53 -1.88
C ILE A 67 -0.90 -13.38 -3.08
N SER A 68 -0.91 -14.71 -2.91
CA SER A 68 -1.32 -15.60 -3.99
C SER A 68 -2.78 -15.38 -4.38
N LYS A 69 -3.68 -15.28 -3.39
CA LYS A 69 -5.07 -14.96 -3.71
C LYS A 69 -5.20 -13.62 -4.41
N ALA A 70 -4.45 -12.61 -3.95
CA ALA A 70 -4.51 -11.30 -4.58
C ALA A 70 -3.95 -11.33 -6.00
N LYS A 71 -2.93 -12.17 -6.25
CA LYS A 71 -2.41 -12.31 -7.61
C LYS A 71 -3.42 -13.01 -8.51
N ALA A 72 -4.20 -13.93 -7.96
CA ALA A 72 -5.27 -14.55 -8.73
C ALA A 72 -6.33 -13.54 -9.12
N GLN A 73 -6.64 -12.60 -8.23
CA GLN A 73 -7.67 -11.61 -8.54
C GLN A 73 -7.15 -10.56 -9.52
N THR A 74 -5.89 -10.15 -9.36
CA THR A 74 -5.30 -9.19 -10.29
C THR A 74 -5.19 -9.79 -11.69
N ASP A 75 -4.78 -11.06 -11.80
CA ASP A 75 -4.76 -11.72 -13.10
C ASP A 75 -6.15 -11.81 -13.71
N ARG A 76 -7.16 -12.14 -12.89
CA ARG A 76 -8.55 -12.14 -13.37
C ARG A 76 -8.89 -10.81 -14.04
N GLU A 77 -8.55 -9.69 -13.39
CA GLU A 77 -8.83 -8.38 -13.94
C GLU A 77 -7.97 -8.10 -15.16
N ASP A 78 -6.70 -8.51 -15.12
CA ASP A 78 -5.78 -8.26 -16.23
C ASP A 78 -6.23 -8.97 -17.50
N LEU A 79 -6.75 -10.19 -17.38
CA LEU A 79 -7.25 -10.90 -18.56
C LEU A 79 -8.38 -10.14 -19.22
N ARG A 80 -9.34 -9.63 -18.44
CA ARG A 80 -10.39 -8.80 -19.02
C ARG A 80 -9.82 -7.53 -19.62
N THR A 81 -8.78 -6.97 -19.00
CA THR A 81 -8.16 -5.77 -19.55
C THR A 81 -7.47 -6.08 -20.88
N LEU A 82 -6.86 -7.25 -21.00
CA LEU A 82 -6.16 -7.59 -22.23
C LEU A 82 -7.13 -7.85 -23.39
N LEU A 83 -8.32 -8.37 -23.09
CA LEU A 83 -9.34 -8.48 -24.13
C LEU A 83 -9.64 -7.11 -24.74
N ARG A 84 -9.67 -6.07 -23.89
CA ARG A 84 -9.96 -4.73 -24.37
C ARG A 84 -8.79 -4.17 -25.18
N TYR A 85 -7.55 -4.33 -24.68
CA TYR A 85 -6.38 -3.81 -25.38
C TYR A 85 -6.19 -4.46 -26.74
N TYR A 86 -6.40 -5.78 -26.82
CA TYR A 86 -6.22 -6.52 -28.06
C TYR A 86 -7.51 -6.69 -28.85
N ASN A 87 -8.65 -6.21 -28.34
CA ASN A 87 -9.94 -6.29 -29.02
C ASN A 87 -10.29 -7.74 -29.36
N GLN A 88 -10.45 -8.55 -28.33
CA GLN A 88 -10.74 -9.96 -28.46
C GLN A 88 -12.10 -10.26 -27.84
N SER A 89 -12.70 -11.37 -28.26
CA SER A 89 -14.01 -11.74 -27.73
C SER A 89 -13.85 -12.39 -26.35
N GLU A 90 -14.90 -12.28 -25.55
CA GLU A 90 -14.91 -12.88 -24.22
C GLU A 90 -15.09 -14.37 -24.25
N ALA A 91 -15.12 -14.98 -25.43
CA ALA A 91 -15.39 -16.40 -25.56
C ALA A 91 -14.13 -17.26 -25.52
N GLY A 92 -13.04 -16.78 -26.11
CA GLY A 92 -11.82 -17.56 -26.15
C GLY A 92 -11.17 -17.68 -24.78
N SER A 93 -10.34 -18.71 -24.64
CA SER A 93 -9.56 -18.91 -23.43
C SER A 93 -8.14 -18.38 -23.63
N HIS A 94 -7.64 -17.64 -22.64
CA HIS A 94 -6.36 -16.94 -22.75
C HIS A 94 -5.53 -17.19 -21.50
N THR A 95 -4.22 -16.98 -21.65
CA THR A 95 -3.24 -17.35 -20.64
C THR A 95 -2.41 -16.14 -20.23
N LEU A 96 -2.20 -15.98 -18.94
CA LEU A 96 -1.39 -14.89 -18.41
C LEU A 96 -0.31 -15.50 -17.51
N GLN A 97 0.95 -15.26 -17.85
CA GLN A 97 2.06 -15.80 -17.08
C GLN A 97 2.92 -14.67 -16.54
N ASN A 98 3.49 -14.89 -15.36
CA ASN A 98 4.31 -13.90 -14.69
C ASN A 98 5.45 -14.58 -13.95
N MET A 99 6.67 -14.07 -14.13
CA MET A 99 7.84 -14.61 -13.47
C MET A 99 8.63 -13.48 -12.83
N TYR A 100 9.02 -13.64 -11.57
CA TYR A 100 9.91 -12.67 -10.96
C TYR A 100 10.80 -13.40 -9.95
N GLY A 101 11.92 -12.76 -9.63
CA GLY A 101 12.87 -13.32 -8.69
C GLY A 101 14.22 -12.68 -8.85
N CYS A 102 15.20 -13.27 -8.18
CA CYS A 102 16.55 -12.70 -8.13
C CYS A 102 17.60 -13.79 -8.16
N ASP A 103 18.71 -13.50 -8.84
CA ASP A 103 19.91 -14.31 -8.78
C ASP A 103 20.90 -13.67 -7.81
N VAL A 104 21.63 -14.50 -7.08
CA VAL A 104 22.72 -14.05 -6.22
C VAL A 104 24.00 -14.76 -6.62
N GLY A 105 25.13 -14.07 -6.52
CA GLY A 105 26.41 -14.65 -6.81
C GLY A 105 26.91 -15.47 -5.65
N PRO A 106 28.16 -15.93 -5.73
CA PRO A 106 28.72 -16.71 -4.62
C PRO A 106 28.89 -15.92 -3.33
N ASP A 107 28.94 -14.59 -3.41
CA ASP A 107 29.06 -13.74 -2.22
C ASP A 107 27.72 -13.33 -1.64
N GLY A 108 26.61 -13.83 -2.19
CA GLY A 108 25.30 -13.49 -1.69
C GLY A 108 24.74 -12.16 -2.15
N ARG A 109 25.52 -11.36 -2.89
CA ARG A 109 25.02 -10.10 -3.39
C ARG A 109 24.19 -10.33 -4.66
N LEU A 110 23.37 -9.34 -4.99
CA LEU A 110 22.45 -9.46 -6.13
C LEU A 110 23.22 -9.56 -7.44
N LEU A 111 22.87 -10.57 -8.24
CA LEU A 111 23.35 -10.72 -9.61
C LEU A 111 22.40 -10.09 -10.62
N ARG A 112 21.14 -10.51 -10.59
CA ARG A 112 20.14 -10.03 -11.54
C ARG A 112 18.75 -10.10 -10.92
N GLY A 113 17.94 -9.10 -11.21
CA GLY A 113 16.55 -9.05 -10.79
C GLY A 113 15.63 -9.23 -12.00
N TYR A 114 14.52 -9.91 -11.77
CA TYR A 114 13.64 -10.34 -12.85
C TYR A 114 12.20 -10.00 -12.51
N HIS A 115 11.45 -9.57 -13.53
CA HIS A 115 10.00 -9.45 -13.47
C HIS A 115 9.44 -9.29 -14.88
N GLN A 116 8.77 -10.31 -15.40
CA GLN A 116 8.25 -10.23 -16.76
C GLN A 116 6.91 -10.96 -16.86
N ASP A 117 6.11 -10.53 -17.85
CA ASP A 117 4.75 -11.01 -18.04
C ASP A 117 4.55 -11.46 -19.48
N ALA A 118 3.83 -12.56 -19.67
CA ALA A 118 3.52 -13.07 -21.00
C ALA A 118 2.02 -13.25 -21.15
N TYR A 119 1.51 -12.93 -22.34
CA TYR A 119 0.10 -13.12 -22.68
C TYR A 119 0.02 -14.07 -23.86
N ASP A 120 -0.64 -15.21 -23.66
CA ASP A 120 -0.80 -16.22 -24.70
C ASP A 120 0.55 -16.68 -25.23
N GLY A 121 1.52 -16.86 -24.33
CA GLY A 121 2.84 -17.36 -24.68
C GLY A 121 3.81 -16.34 -25.22
N LYS A 122 3.38 -15.13 -25.56
CA LYS A 122 4.27 -14.09 -26.05
C LYS A 122 4.56 -13.08 -24.95
N ASP A 123 5.80 -12.61 -24.90
CA ASP A 123 6.20 -11.55 -23.98
C ASP A 123 5.22 -10.40 -24.02
N TYR A 124 4.93 -9.85 -22.85
CA TYR A 124 4.06 -8.69 -22.78
C TYR A 124 4.88 -7.49 -22.31
N ILE A 125 5.21 -7.45 -21.03
CA ILE A 125 6.05 -6.40 -20.48
C ILE A 125 7.04 -7.01 -19.50
N ALA A 126 8.27 -6.51 -19.50
CA ALA A 126 9.36 -7.02 -18.68
C ALA A 126 10.17 -5.87 -18.11
N LEU A 127 10.47 -5.95 -16.82
CA LEU A 127 11.41 -5.02 -16.20
C LEU A 127 12.82 -5.26 -16.73
N ASN A 128 13.54 -4.19 -17.00
CA ASN A 128 14.90 -4.31 -17.51
C ASN A 128 15.87 -4.62 -16.38
N GLU A 129 17.12 -4.92 -16.76
CA GLU A 129 18.12 -5.29 -15.77
C GLU A 129 18.42 -4.14 -14.81
N ASP A 130 18.36 -2.89 -15.29
CA ASP A 130 18.63 -1.76 -14.39
C ASP A 130 17.53 -1.54 -13.36
N LEU A 131 16.48 -2.37 -13.40
CA LEU A 131 15.37 -2.30 -12.46
C LEU A 131 14.68 -0.94 -12.46
N SER A 132 14.83 -0.17 -13.54
CA SER A 132 14.34 1.20 -13.57
C SER A 132 13.66 1.56 -14.90
N SER A 133 13.31 0.58 -15.71
CA SER A 133 12.75 0.82 -17.03
C SER A 133 12.14 -0.48 -17.50
N TRP A 134 11.36 -0.40 -18.56
CA TRP A 134 10.57 -1.53 -19.02
C TRP A 134 10.81 -1.79 -20.50
N THR A 135 10.69 -3.06 -20.87
CA THR A 135 10.64 -3.48 -22.26
C THR A 135 9.22 -3.95 -22.54
N ALA A 136 8.52 -3.23 -23.42
CA ALA A 136 7.17 -3.58 -23.83
C ALA A 136 7.20 -4.22 -25.20
N ALA A 137 6.44 -5.31 -25.37
CA ALA A 137 6.46 -6.04 -26.63
C ALA A 137 5.68 -5.36 -27.75
N ASP A 138 4.63 -4.59 -27.43
CA ASP A 138 3.80 -3.94 -28.45
C ASP A 138 3.12 -2.73 -27.83
N THR A 139 2.25 -2.08 -28.61
CA THR A 139 1.55 -0.89 -28.15
C THR A 139 0.57 -1.19 -27.03
N ALA A 140 0.00 -2.39 -27.00
CA ALA A 140 -0.87 -2.77 -25.88
C ALA A 140 -0.09 -2.80 -24.58
N ALA A 141 1.12 -3.36 -24.62
CA ALA A 141 1.97 -3.40 -23.43
C ALA A 141 2.47 -2.02 -23.06
N GLN A 142 2.57 -1.11 -24.03
CA GLN A 142 2.99 0.25 -23.72
C GLN A 142 1.90 1.02 -22.99
N ILE A 143 0.64 0.62 -23.15
CA ILE A 143 -0.43 1.18 -22.32
C ILE A 143 -0.17 0.85 -20.86
N THR A 144 0.09 -0.43 -20.58
CA THR A 144 0.44 -0.85 -19.24
C THR A 144 1.71 -0.17 -18.75
N GLN A 145 2.69 0.00 -19.64
CA GLN A 145 3.96 0.58 -19.23
C GLN A 145 3.78 2.01 -18.74
N ARG A 146 3.04 2.84 -19.50
CA ARG A 146 2.82 4.21 -19.07
C ARG A 146 2.10 4.27 -17.72
N LYS A 147 1.16 3.35 -17.51
CA LYS A 147 0.47 3.31 -16.23
C LYS A 147 1.42 2.90 -15.10
N TRP A 148 2.28 1.90 -15.36
CA TRP A 148 3.21 1.43 -14.33
C TRP A 148 4.28 2.47 -14.04
N GLU A 149 4.72 3.19 -15.08
CA GLU A 149 5.62 4.31 -14.88
C GLU A 149 4.96 5.42 -14.05
N ALA A 150 3.69 5.70 -14.32
CA ALA A 150 2.99 6.73 -13.55
C ALA A 150 2.77 6.30 -12.10
N ALA A 151 2.47 5.02 -11.88
CA ALA A 151 2.23 4.51 -10.54
C ALA A 151 3.50 4.11 -9.81
N ARG A 152 4.68 4.27 -10.44
CA ARG A 152 5.97 3.92 -9.84
C ARG A 152 6.07 2.45 -9.47
N VAL A 153 5.61 1.57 -10.38
CA VAL A 153 5.69 0.14 -10.10
C VAL A 153 7.14 -0.31 -9.99
N ALA A 154 8.01 0.24 -10.84
CA ALA A 154 9.41 -0.17 -10.87
C ALA A 154 10.14 0.15 -9.57
N GLU A 155 9.73 1.19 -8.84
CA GLU A 155 10.42 1.54 -7.61
C GLU A 155 10.21 0.48 -6.53
N GLN A 156 9.00 -0.08 -6.45
CA GLN A 156 8.76 -1.15 -5.50
C GLN A 156 9.47 -2.42 -5.92
N LEU A 157 9.41 -2.78 -7.20
CA LEU A 157 10.08 -3.99 -7.65
C LEU A 157 11.59 -3.90 -7.41
N ARG A 158 12.18 -2.74 -7.68
CA ARG A 158 13.60 -2.58 -7.44
C ARG A 158 13.94 -2.72 -5.96
N ALA A 159 13.11 -2.16 -5.07
CA ALA A 159 13.36 -2.30 -3.64
C ALA A 159 13.26 -3.76 -3.20
N TYR A 160 12.26 -4.47 -3.72
CA TYR A 160 12.11 -5.89 -3.37
C TYR A 160 13.27 -6.70 -3.91
N LEU A 161 13.61 -6.51 -5.18
CA LEU A 161 14.69 -7.28 -5.80
C LEU A 161 16.05 -6.97 -5.15
N GLU A 162 16.26 -5.72 -4.73
CA GLU A 162 17.51 -5.34 -4.07
C GLU A 162 17.56 -5.80 -2.63
N GLY A 163 16.41 -5.77 -1.94
CA GLY A 163 16.39 -6.07 -0.53
C GLY A 163 15.75 -7.39 -0.20
N GLU A 164 14.42 -7.41 -0.11
CA GLU A 164 13.72 -8.57 0.43
C GLU A 164 14.04 -9.84 -0.34
N CYS A 165 14.16 -9.74 -1.67
CA CYS A 165 14.38 -10.95 -2.46
C CYS A 165 15.72 -11.59 -2.13
N VAL A 166 16.77 -10.78 -2.06
CA VAL A 166 18.09 -11.33 -1.75
C VAL A 166 18.16 -11.80 -0.30
N GLU A 167 17.71 -10.96 0.62
CA GLU A 167 17.81 -11.30 2.05
C GLU A 167 17.04 -12.56 2.38
N TRP A 168 15.88 -12.77 1.76
CA TRP A 168 15.12 -13.98 2.05
C TRP A 168 15.63 -15.19 1.28
N LEU A 169 16.27 -14.99 0.13
CA LEU A 169 16.93 -16.10 -0.54
C LEU A 169 18.11 -16.60 0.29
N ARG A 170 18.88 -15.68 0.89
CA ARG A 170 19.96 -16.08 1.79
C ARG A 170 19.42 -16.84 3.00
N ARG A 171 18.26 -16.41 3.51
CA ARG A 171 17.65 -17.10 4.64
C ARG A 171 17.27 -18.53 4.27
N TYR A 172 16.66 -18.71 3.10
CA TYR A 172 16.32 -20.05 2.67
C TYR A 172 17.56 -20.92 2.49
N LEU A 173 18.62 -20.34 1.93
CA LEU A 173 19.84 -21.10 1.68
C LEU A 173 20.48 -21.58 2.97
N GLU A 174 20.42 -20.79 4.04
CA GLU A 174 20.97 -21.24 5.32
C GLU A 174 20.09 -22.30 5.96
N ASN A 175 18.77 -22.12 5.90
CA ASN A 175 17.86 -23.07 6.54
C ASN A 175 17.82 -24.41 5.81
N GLY A 176 17.91 -24.40 4.49
CA GLY A 176 17.96 -25.64 3.75
C GLY A 176 19.34 -25.97 3.22
N LYS A 177 20.38 -25.64 3.99
CA LYS A 177 21.75 -25.84 3.50
C LYS A 177 22.06 -27.31 3.26
N GLU A 178 21.45 -28.21 4.04
CA GLU A 178 21.73 -29.64 3.93
C GLU A 178 21.30 -30.23 2.59
N THR A 179 20.49 -29.51 1.82
CA THR A 179 20.06 -29.93 0.49
C THR A 179 20.34 -28.89 -0.58
N LEU A 180 20.12 -27.61 -0.28
CA LEU A 180 20.29 -26.57 -1.30
C LEU A 180 21.76 -26.31 -1.60
N GLN A 181 22.65 -26.50 -0.62
CA GLN A 181 24.08 -26.26 -0.83
C GLN A 181 24.91 -27.52 -0.64
N ARG A 182 24.29 -28.70 -0.67
CA ARG A 182 24.98 -29.98 -0.62
C ARG A 182 24.53 -30.77 -1.85
N ALA A 183 25.26 -30.62 -2.95
CA ALA A 183 24.85 -31.23 -4.20
C ALA A 183 24.81 -32.74 -4.10
N ASP A 184 23.78 -33.33 -4.72
CA ASP A 184 23.63 -34.78 -4.77
C ASP A 184 24.40 -35.33 -5.96
N PRO A 185 25.43 -36.14 -5.77
CA PRO A 185 26.16 -36.68 -6.90
C PRO A 185 25.31 -37.67 -7.68
N PRO A 186 25.49 -37.77 -8.99
CA PRO A 186 24.73 -38.74 -9.78
C PRO A 186 25.24 -40.16 -9.56
N LYS A 187 24.31 -41.08 -9.31
CA LYS A 187 24.61 -42.50 -9.41
C LYS A 187 24.64 -42.88 -10.88
N THR A 188 25.77 -43.41 -11.33
CA THR A 188 26.01 -43.60 -12.75
C THR A 188 26.31 -45.06 -13.07
N HIS A 189 25.95 -45.46 -14.29
CA HIS A 189 26.30 -46.74 -14.86
C HIS A 189 26.15 -46.66 -16.37
N VAL A 190 26.68 -47.65 -17.06
CA VAL A 190 26.66 -47.71 -18.52
C VAL A 190 26.02 -49.03 -18.93
N THR A 191 25.06 -48.97 -19.85
CA THR A 191 24.39 -50.16 -20.34
C THR A 191 24.74 -50.41 -21.81
N HIS A 192 24.65 -51.68 -22.21
CA HIS A 192 25.01 -52.13 -23.54
C HIS A 192 23.78 -52.79 -24.16
N HIS A 193 23.33 -52.25 -25.28
CA HIS A 193 22.12 -52.75 -25.94
C HIS A 193 22.42 -53.08 -27.39
N PRO A 194 22.49 -54.35 -27.74
CA PRO A 194 22.81 -54.72 -29.13
C PRO A 194 21.71 -54.27 -30.09
N ILE A 195 22.14 -53.85 -31.28
CA ILE A 195 21.23 -53.47 -32.37
C ILE A 195 21.23 -54.53 -33.46
N SER A 196 22.37 -54.77 -34.08
CA SER A 196 22.55 -55.83 -35.05
C SER A 196 23.66 -56.77 -34.54
N ASP A 197 24.07 -57.70 -35.39
CA ASP A 197 25.27 -58.49 -35.08
C ASP A 197 26.55 -57.70 -35.29
N HIS A 198 26.44 -56.43 -35.73
CA HIS A 198 27.60 -55.59 -35.97
C HIS A 198 27.64 -54.33 -35.11
N GLU A 199 26.54 -53.95 -34.46
CA GLU A 199 26.52 -52.71 -33.72
C GLU A 199 25.66 -52.85 -32.47
N ALA A 200 25.85 -51.91 -31.54
CA ALA A 200 25.16 -51.91 -30.26
C ALA A 200 25.15 -50.48 -29.72
N THR A 201 24.32 -50.27 -28.70
CA THR A 201 24.14 -48.96 -28.08
C THR A 201 24.81 -48.96 -26.72
N LEU A 202 25.72 -48.02 -26.52
CA LEU A 202 26.29 -47.76 -25.20
C LEU A 202 25.55 -46.56 -24.62
N ARG A 203 24.74 -46.81 -23.59
CA ARG A 203 23.94 -45.77 -22.96
C ARG A 203 24.48 -45.50 -21.56
N CYS A 204 24.86 -44.24 -21.32
CA CYS A 204 25.44 -43.81 -20.06
C CYS A 204 24.38 -43.11 -19.23
N TRP A 205 24.22 -43.54 -17.99
CA TRP A 205 23.13 -43.09 -17.13
C TRP A 205 23.63 -42.21 -16.00
N ALA A 206 22.84 -41.21 -15.65
CA ALA A 206 23.11 -40.35 -14.50
C ALA A 206 21.79 -40.16 -13.76
N LEU A 207 21.73 -40.64 -12.52
CA LEU A 207 20.48 -40.71 -11.79
C LEU A 207 20.64 -40.10 -10.40
N GLY A 208 19.53 -39.61 -9.87
CA GLY A 208 19.49 -39.13 -8.51
C GLY A 208 20.34 -37.92 -8.20
N PHE A 209 20.71 -37.13 -9.21
CA PHE A 209 21.59 -36.00 -8.99
C PHE A 209 20.81 -34.70 -8.84
N TYR A 210 21.36 -33.79 -8.04
CA TYR A 210 20.82 -32.46 -7.84
C TYR A 210 22.00 -31.51 -7.65
N PRO A 211 21.96 -30.32 -8.25
CA PRO A 211 20.91 -29.76 -9.12
C PRO A 211 20.91 -30.37 -10.51
N ALA A 212 20.12 -29.80 -11.43
CA ALA A 212 19.90 -30.40 -12.75
C ALA A 212 21.07 -30.19 -13.70
N GLU A 213 21.91 -29.19 -13.45
CA GLU A 213 23.05 -28.92 -14.34
C GLU A 213 24.01 -30.10 -14.33
N ILE A 214 24.27 -30.67 -15.50
CA ILE A 214 25.13 -31.85 -15.60
C ILE A 214 25.60 -31.98 -17.04
N THR A 215 26.77 -32.60 -17.23
CA THR A 215 27.34 -32.78 -18.56
C THR A 215 27.70 -34.25 -18.75
N LEU A 216 26.99 -34.91 -19.67
CA LEU A 216 27.28 -36.27 -20.08
C LEU A 216 27.91 -36.21 -21.46
N THR A 217 29.09 -36.79 -21.61
CA THR A 217 29.81 -36.78 -22.89
C THR A 217 30.45 -38.13 -23.13
N TRP A 218 30.26 -38.66 -24.34
CA TRP A 218 30.94 -39.88 -24.76
C TRP A 218 32.24 -39.53 -25.48
N GLN A 219 33.26 -40.35 -25.28
CA GLN A 219 34.55 -40.17 -25.94
C GLN A 219 35.08 -41.50 -26.44
N ARG A 220 35.46 -41.55 -27.72
CA ARG A 220 36.11 -42.71 -28.31
C ARG A 220 37.61 -42.43 -28.36
N ASP A 221 38.37 -43.12 -27.51
CA ASP A 221 39.82 -42.94 -27.41
C ASP A 221 40.19 -41.47 -27.19
N GLY A 222 39.57 -40.87 -26.18
CA GLY A 222 39.82 -39.47 -25.86
C GLY A 222 39.42 -38.49 -26.93
N GLU A 223 38.37 -38.77 -27.68
CA GLU A 223 37.88 -37.86 -28.71
C GLU A 223 36.38 -37.68 -28.55
N ASP A 224 35.92 -36.42 -28.54
CA ASP A 224 34.51 -36.13 -28.32
C ASP A 224 33.63 -36.72 -29.43
N GLN A 225 32.64 -37.52 -29.02
CA GLN A 225 31.65 -38.06 -29.93
C GLN A 225 30.33 -37.32 -29.83
N THR A 226 30.38 -36.03 -29.53
CA THR A 226 29.16 -35.26 -29.31
C THR A 226 28.28 -35.22 -30.55
N GLN A 227 28.89 -35.21 -31.74
CA GLN A 227 28.10 -35.12 -32.96
C GLN A 227 27.14 -36.29 -33.11
N ASP A 228 27.50 -37.46 -32.59
CA ASP A 228 26.70 -38.66 -32.77
C ASP A 228 26.21 -39.22 -31.44
N THR A 229 25.94 -38.34 -30.48
CA THR A 229 25.45 -38.72 -29.17
C THR A 229 23.96 -38.41 -29.08
N GLU A 230 23.14 -39.45 -28.90
CA GLU A 230 21.73 -39.27 -28.60
C GLU A 230 21.61 -38.86 -27.14
N LEU A 231 21.38 -37.57 -26.91
CA LEU A 231 21.32 -37.02 -25.56
C LEU A 231 19.89 -36.58 -25.27
N VAL A 232 19.35 -37.05 -24.14
CA VAL A 232 17.98 -36.71 -23.76
C VAL A 232 17.99 -35.51 -22.83
N GLU A 233 16.92 -34.72 -22.93
CA GLU A 233 16.74 -33.58 -22.06
C GLU A 233 16.68 -34.04 -20.60
N THR A 234 17.26 -33.23 -19.70
CA THR A 234 17.28 -33.58 -18.29
C THR A 234 15.86 -33.61 -17.74
N ARG A 235 15.56 -34.65 -16.96
CA ARG A 235 14.18 -34.92 -16.55
C ARG A 235 14.08 -35.14 -15.06
N PRO A 236 12.96 -34.76 -14.44
CA PRO A 236 12.80 -34.99 -13.01
C PRO A 236 12.51 -36.45 -12.69
N ALA A 237 13.22 -36.97 -11.69
CA ALA A 237 12.95 -38.32 -11.21
C ALA A 237 11.64 -38.40 -10.43
N GLY A 238 11.19 -37.29 -9.84
CA GLY A 238 9.99 -37.27 -9.04
C GLY A 238 10.20 -37.19 -7.54
N ASP A 239 11.46 -37.26 -7.09
CA ASP A 239 11.83 -37.16 -5.68
C ASP A 239 12.81 -36.01 -5.44
N ARG A 240 12.65 -34.92 -6.19
CA ARG A 240 13.46 -33.69 -6.16
C ARG A 240 14.82 -33.86 -6.86
N THR A 241 15.17 -35.04 -7.37
CA THR A 241 16.40 -35.23 -8.11
C THR A 241 16.09 -35.36 -9.60
N PHE A 242 17.14 -35.51 -10.41
CA PHE A 242 16.99 -35.48 -11.85
C PHE A 242 17.70 -36.67 -12.47
N GLN A 243 17.37 -36.92 -13.73
CA GLN A 243 17.94 -38.01 -14.51
C GLN A 243 18.39 -37.47 -15.86
N LYS A 244 19.31 -38.21 -16.48
CA LYS A 244 19.75 -37.91 -17.83
C LYS A 244 20.51 -39.12 -18.35
N TRP A 245 20.51 -39.30 -19.67
CA TRP A 245 21.37 -40.32 -20.24
C TRP A 245 21.80 -39.91 -21.65
N ALA A 246 22.96 -40.43 -22.05
CA ALA A 246 23.51 -40.21 -23.38
C ALA A 246 23.93 -41.54 -23.99
N ALA A 247 23.62 -41.73 -25.26
CA ALA A 247 23.85 -43.01 -25.94
C ALA A 247 24.64 -42.80 -27.21
N VAL A 248 25.44 -43.83 -27.56
CA VAL A 248 26.22 -43.83 -28.79
C VAL A 248 26.13 -45.22 -29.40
N VAL A 249 26.18 -45.26 -30.73
CA VAL A 249 26.12 -46.52 -31.47
C VAL A 249 27.56 -46.90 -31.82
N VAL A 250 28.07 -47.95 -31.19
CA VAL A 250 29.47 -48.35 -31.34
C VAL A 250 29.55 -49.66 -32.11
N PRO A 251 30.63 -49.88 -32.89
CA PRO A 251 30.77 -51.17 -33.59
C PRO A 251 31.06 -52.30 -32.62
N SER A 252 30.50 -53.47 -32.92
CA SER A 252 30.67 -54.62 -32.04
C SER A 252 32.14 -54.94 -31.85
N GLY A 253 32.57 -55.02 -30.59
CA GLY A 253 33.94 -55.29 -30.25
C GLY A 253 34.79 -54.06 -29.97
N GLU A 254 34.20 -52.87 -30.01
CA GLU A 254 34.91 -51.62 -29.79
C GLU A 254 34.47 -50.91 -28.51
N GLU A 255 33.73 -51.61 -27.64
CA GLU A 255 33.11 -50.95 -26.50
C GLU A 255 34.14 -50.34 -25.55
N GLN A 256 35.25 -51.04 -25.33
CA GLN A 256 36.24 -50.54 -24.38
C GLN A 256 36.96 -49.28 -24.87
N ARG A 257 36.89 -48.98 -26.17
CA ARG A 257 37.45 -47.74 -26.66
C ARG A 257 36.58 -46.53 -26.33
N TYR A 258 35.38 -46.75 -25.80
CA TYR A 258 34.44 -45.68 -25.50
C TYR A 258 34.36 -45.45 -24.00
N THR A 259 34.40 -44.17 -23.60
CA THR A 259 34.37 -43.77 -22.20
C THR A 259 33.34 -42.66 -22.01
N CYS A 260 32.53 -42.78 -20.96
CA CYS A 260 31.53 -41.77 -20.62
C CYS A 260 32.06 -40.90 -19.49
N HIS A 261 32.08 -39.59 -19.72
CA HIS A 261 32.58 -38.62 -18.76
C HIS A 261 31.42 -37.83 -18.18
N VAL A 262 31.36 -37.76 -16.85
CA VAL A 262 30.27 -37.13 -16.13
C VAL A 262 30.82 -35.96 -15.34
N GLN A 263 30.29 -34.76 -15.60
CA GLN A 263 30.66 -33.57 -14.85
C GLN A 263 29.47 -33.11 -14.03
N HIS A 264 29.68 -32.93 -12.73
CA HIS A 264 28.62 -32.48 -11.85
C HIS A 264 29.23 -31.90 -10.58
N GLU A 265 28.58 -30.87 -10.04
CA GLU A 265 29.10 -30.19 -8.86
C GLU A 265 29.11 -31.10 -7.63
N GLY A 266 28.33 -32.18 -7.62
CA GLY A 266 28.38 -33.10 -6.49
C GLY A 266 29.50 -34.11 -6.58
N LEU A 267 30.08 -34.27 -7.76
CA LEU A 267 31.19 -35.18 -7.96
C LEU A 267 32.49 -34.52 -7.53
N PRO A 268 33.25 -35.13 -6.62
CA PRO A 268 34.56 -34.58 -6.26
C PRO A 268 35.60 -34.76 -7.36
N LYS A 269 35.26 -35.42 -8.45
CA LYS A 269 36.16 -35.73 -9.54
C LYS A 269 35.31 -36.17 -10.73
N PRO A 270 35.48 -35.56 -11.90
CA PRO A 270 34.72 -35.99 -13.08
C PRO A 270 34.88 -37.47 -13.36
N LEU A 271 33.76 -38.20 -13.34
CA LEU A 271 33.78 -39.64 -13.55
C LEU A 271 34.18 -39.98 -14.98
N THR A 272 34.71 -41.19 -15.14
CA THR A 272 35.06 -41.72 -16.45
C THR A 272 34.63 -43.19 -16.46
N LEU A 273 33.45 -43.45 -17.03
CA LEU A 273 32.83 -44.77 -16.99
C LEU A 273 33.10 -45.54 -18.27
N ARG A 274 33.00 -46.87 -18.17
CA ARG A 274 33.16 -47.75 -19.31
C ARG A 274 32.15 -48.88 -19.22
N TRP A 275 31.90 -49.51 -20.36
CA TRP A 275 31.03 -50.69 -20.41
C TRP A 275 31.64 -51.82 -19.60
N GLU A 276 30.91 -52.28 -18.58
CA GLU A 276 31.42 -53.25 -17.60
C GLU A 276 30.53 -54.50 -17.64
N PRO A 277 30.88 -55.50 -18.46
CA PRO A 277 30.13 -56.76 -18.54
C PRO A 277 30.63 -57.81 -17.55
N MET B 1 -2.19 -16.37 -31.22
CA MET B 1 -1.77 -17.26 -30.15
C MET B 1 -0.64 -18.20 -30.58
N ILE B 2 0.43 -18.23 -29.79
CA ILE B 2 1.52 -19.17 -30.02
C ILE B 2 1.13 -20.52 -29.42
N GLN B 3 1.33 -21.58 -30.21
CA GLN B 3 1.07 -22.94 -29.78
C GLN B 3 2.33 -23.78 -29.98
N ARG B 4 2.64 -24.61 -28.99
CA ARG B 4 3.85 -25.43 -29.02
C ARG B 4 3.49 -26.86 -28.64
N THR B 5 4.07 -27.82 -29.36
CA THR B 5 3.77 -29.23 -29.21
C THR B 5 4.54 -29.82 -28.03
N PRO B 6 3.90 -30.68 -27.24
CA PRO B 6 4.61 -31.28 -26.09
C PRO B 6 5.72 -32.23 -26.52
N LYS B 7 6.80 -32.20 -25.77
CA LYS B 7 7.83 -33.23 -25.79
C LYS B 7 7.52 -34.22 -24.69
N ILE B 8 7.52 -35.50 -25.01
CA ILE B 8 7.08 -36.54 -24.10
C ILE B 8 8.26 -37.45 -23.75
N GLN B 9 8.43 -37.72 -22.45
CA GLN B 9 9.39 -38.71 -21.97
C GLN B 9 8.70 -39.64 -20.99
N VAL B 10 8.77 -40.94 -21.26
CA VAL B 10 8.26 -41.98 -20.37
C VAL B 10 9.44 -42.72 -19.79
N TYR B 11 9.44 -42.91 -18.47
CA TYR B 11 10.56 -43.52 -17.78
C TYR B 11 10.11 -43.87 -16.36
N SER B 12 11.00 -44.53 -15.63
CA SER B 12 10.75 -44.91 -14.25
C SER B 12 11.71 -44.17 -13.33
N ARG B 13 11.27 -43.96 -12.08
CA ARG B 13 12.07 -43.22 -11.11
C ARG B 13 13.37 -43.94 -10.80
N HIS B 14 13.34 -45.25 -10.68
CA HIS B 14 14.51 -46.07 -10.44
C HIS B 14 14.64 -47.09 -11.56
N PRO B 15 15.85 -47.61 -11.79
CA PRO B 15 16.01 -48.67 -12.79
C PRO B 15 15.05 -49.83 -12.53
N ALA B 16 14.21 -50.13 -13.51
CA ALA B 16 13.13 -51.09 -13.34
C ALA B 16 13.67 -52.49 -13.06
N GLU B 17 12.99 -53.21 -12.18
CA GLU B 17 13.25 -54.62 -11.90
C GLU B 17 11.91 -55.31 -11.75
N ASN B 18 11.76 -56.45 -12.41
CA ASN B 18 10.47 -57.14 -12.43
C ASN B 18 10.06 -57.58 -11.02
N GLY B 19 8.90 -57.10 -10.58
CA GLY B 19 8.36 -57.42 -9.28
C GLY B 19 8.62 -56.39 -8.21
N LYS B 20 9.39 -55.34 -8.50
CA LYS B 20 9.75 -54.34 -7.49
C LYS B 20 8.93 -53.08 -7.70
N SER B 21 8.39 -52.55 -6.61
CA SER B 21 7.58 -51.33 -6.67
C SER B 21 8.44 -50.15 -7.12
N ASN B 22 7.85 -49.29 -7.94
CA ASN B 22 8.56 -48.20 -8.59
C ASN B 22 7.57 -47.07 -8.83
N PHE B 23 7.95 -46.12 -9.68
CA PHE B 23 7.07 -45.04 -10.11
C PHE B 23 7.18 -44.89 -11.61
N LEU B 24 6.06 -44.78 -12.30
CA LEU B 24 6.04 -44.58 -13.74
C LEU B 24 5.85 -43.10 -14.01
N ASN B 25 6.84 -42.49 -14.65
CA ASN B 25 6.81 -41.05 -14.90
C ASN B 25 6.46 -40.77 -16.35
N CYS B 26 5.76 -39.67 -16.56
CA CYS B 26 5.55 -39.11 -17.89
C CYS B 26 5.79 -37.61 -17.78
N TYR B 27 6.92 -37.16 -18.33
CA TYR B 27 7.35 -35.77 -18.25
C TYR B 27 7.06 -35.09 -19.58
N VAL B 28 6.10 -34.16 -19.57
CA VAL B 28 5.72 -33.40 -20.76
C VAL B 28 6.20 -31.97 -20.60
N SER B 29 6.79 -31.43 -21.65
CA SER B 29 7.38 -30.10 -21.58
C SER B 29 7.37 -29.45 -22.96
N GLY B 30 7.55 -28.13 -22.96
CA GLY B 30 7.67 -27.38 -24.19
C GLY B 30 6.36 -27.13 -24.90
N PHE B 31 5.24 -27.20 -24.20
CA PHE B 31 3.94 -27.08 -24.82
C PHE B 31 3.25 -25.79 -24.37
N HIS B 32 2.37 -25.28 -25.24
CA HIS B 32 1.56 -24.10 -24.98
C HIS B 32 0.34 -24.20 -25.88
N PRO B 33 -0.87 -23.92 -25.39
CA PRO B 33 -1.24 -23.47 -24.04
C PRO B 33 -1.08 -24.54 -22.96
N SER B 34 -1.49 -24.21 -21.73
CA SER B 34 -1.19 -25.06 -20.58
C SER B 34 -2.07 -26.30 -20.52
N ASP B 35 -3.32 -26.20 -20.96
CA ASP B 35 -4.24 -27.32 -20.80
C ASP B 35 -3.83 -28.50 -21.66
N ILE B 36 -3.77 -29.68 -21.04
CA ILE B 36 -3.21 -30.87 -21.65
C ILE B 36 -3.84 -32.09 -20.99
N GLU B 37 -4.07 -33.12 -21.79
CA GLU B 37 -4.61 -34.39 -21.30
C GLU B 37 -3.49 -35.42 -21.33
N VAL B 38 -3.10 -35.89 -20.15
CA VAL B 38 -2.03 -36.88 -20.03
C VAL B 38 -2.54 -38.05 -19.21
N ASP B 39 -2.44 -39.26 -19.77
CA ASP B 39 -2.87 -40.48 -19.11
C ASP B 39 -1.76 -41.50 -19.18
N LEU B 40 -1.64 -42.29 -18.12
CA LEU B 40 -0.71 -43.42 -18.07
C LEU B 40 -1.49 -44.70 -18.32
N LEU B 41 -0.95 -45.57 -19.17
CA LEU B 41 -1.66 -46.75 -19.62
C LEU B 41 -0.93 -48.01 -19.20
N LYS B 42 -1.71 -48.99 -18.75
CA LYS B 42 -1.23 -50.35 -18.50
C LYS B 42 -2.00 -51.27 -19.44
N ASN B 43 -1.31 -51.80 -20.45
CA ASN B 43 -1.92 -52.68 -21.45
C ASN B 43 -3.09 -51.99 -22.15
N GLY B 44 -2.92 -50.69 -22.42
CA GLY B 44 -3.92 -49.92 -23.11
C GLY B 44 -5.05 -49.38 -22.27
N GLU B 45 -5.05 -49.61 -20.95
CA GLU B 45 -6.11 -49.15 -20.09
C GLU B 45 -5.65 -47.95 -19.25
N ARG B 46 -6.59 -47.05 -18.99
CA ARG B 46 -6.29 -45.80 -18.30
C ARG B 46 -6.04 -46.06 -16.82
N ILE B 47 -4.83 -45.75 -16.36
CA ILE B 47 -4.44 -45.94 -14.97
C ILE B 47 -5.09 -44.86 -14.11
N GLU B 48 -5.70 -45.27 -13.00
CA GLU B 48 -6.30 -44.37 -12.03
C GLU B 48 -5.26 -43.94 -10.98
N LYS B 49 -5.60 -42.88 -10.25
CA LYS B 49 -4.75 -42.35 -9.18
C LYS B 49 -3.40 -41.86 -9.72
N VAL B 50 -3.43 -41.25 -10.90
CA VAL B 50 -2.22 -40.67 -11.48
C VAL B 50 -2.08 -39.24 -10.97
N GLU B 51 -0.99 -38.97 -10.27
CA GLU B 51 -0.69 -37.65 -9.73
C GLU B 51 0.07 -36.82 -10.76
N HIS B 52 0.12 -35.51 -10.54
CA HIS B 52 0.85 -34.62 -11.42
C HIS B 52 1.38 -33.44 -10.63
N SER B 53 2.55 -32.96 -11.04
CA SER B 53 3.19 -31.84 -10.36
C SER B 53 2.40 -30.56 -10.60
N ASP B 54 2.84 -29.48 -9.95
CA ASP B 54 2.19 -28.19 -10.10
C ASP B 54 2.75 -27.45 -11.31
N LEU B 55 1.85 -26.88 -12.10
CA LEU B 55 2.19 -26.30 -13.39
C LEU B 55 3.29 -25.24 -13.27
N SER B 56 4.31 -25.36 -14.11
CA SER B 56 5.41 -24.40 -14.16
C SER B 56 5.81 -24.21 -15.61
N PHE B 57 6.68 -23.23 -15.87
CA PHE B 57 7.12 -22.95 -17.23
C PHE B 57 8.60 -22.59 -17.23
N SER B 58 9.17 -22.51 -18.45
CA SER B 58 10.58 -22.25 -18.66
C SER B 58 10.79 -20.78 -19.01
N LYS B 59 12.03 -20.43 -19.36
CA LYS B 59 12.33 -19.05 -19.75
C LYS B 59 11.51 -18.62 -20.96
N ASP B 60 11.30 -19.53 -21.91
CA ASP B 60 10.52 -19.22 -23.10
C ASP B 60 9.02 -19.34 -22.86
N TRP B 61 8.61 -19.50 -21.60
CA TRP B 61 7.22 -19.59 -21.16
C TRP B 61 6.58 -20.93 -21.51
N SER B 62 7.33 -21.87 -22.10
CA SER B 62 6.78 -23.20 -22.36
C SER B 62 6.55 -23.93 -21.04
N PHE B 63 5.38 -24.56 -20.90
CA PHE B 63 5.05 -25.25 -19.67
C PHE B 63 5.74 -26.62 -19.58
N TYR B 64 5.77 -27.16 -18.37
CA TYR B 64 6.23 -28.52 -18.14
C TYR B 64 5.49 -29.11 -16.94
N LEU B 65 5.14 -30.39 -17.05
CA LEU B 65 4.44 -31.13 -16.00
C LEU B 65 4.99 -32.53 -15.91
N LEU B 66 4.95 -33.10 -14.71
CA LEU B 66 5.34 -34.49 -14.50
C LEU B 66 4.12 -35.25 -13.97
N TYR B 67 3.72 -36.28 -14.70
CA TYR B 67 2.66 -37.17 -14.26
C TYR B 67 3.29 -38.48 -13.80
N TYR B 68 2.76 -39.03 -12.72
CA TYR B 68 3.41 -40.18 -12.12
C TYR B 68 2.39 -40.96 -11.30
N THR B 69 2.63 -42.26 -11.19
CA THR B 69 1.86 -43.14 -10.33
C THR B 69 2.79 -44.22 -9.83
N GLU B 70 2.38 -44.89 -8.76
CA GLU B 70 3.13 -46.02 -8.24
C GLU B 70 2.78 -47.25 -9.07
N PHE B 71 3.77 -47.90 -9.66
CA PHE B 71 3.54 -49.09 -10.46
C PHE B 71 4.60 -50.14 -10.13
N THR B 72 4.30 -51.38 -10.50
CA THR B 72 5.23 -52.50 -10.33
C THR B 72 5.43 -53.18 -11.67
N PRO B 73 6.56 -52.99 -12.33
CA PRO B 73 6.74 -53.53 -13.68
C PRO B 73 6.97 -55.04 -13.66
N THR B 74 6.37 -55.71 -14.63
CA THR B 74 6.60 -57.12 -14.88
C THR B 74 7.20 -57.28 -16.28
N GLU B 75 7.54 -58.52 -16.62
CA GLU B 75 8.04 -58.80 -17.96
C GLU B 75 6.95 -58.61 -19.00
N LYS B 76 5.71 -58.91 -18.65
CA LYS B 76 4.62 -58.91 -19.62
C LYS B 76 3.85 -57.60 -19.69
N ASP B 77 3.77 -56.86 -18.59
CA ASP B 77 2.92 -55.68 -18.54
C ASP B 77 3.52 -54.56 -19.40
N GLU B 78 2.76 -54.09 -20.38
CA GLU B 78 3.18 -52.99 -21.25
C GLU B 78 2.61 -51.69 -20.73
N TYR B 79 3.48 -50.72 -20.45
CA TYR B 79 3.08 -49.43 -19.93
C TYR B 79 3.36 -48.33 -20.95
N ALA B 80 2.52 -47.29 -20.93
CA ALA B 80 2.61 -46.22 -21.90
C ALA B 80 2.10 -44.92 -21.29
N CYS B 81 2.20 -43.84 -22.06
CA CYS B 81 1.70 -42.53 -21.69
C CYS B 81 0.94 -41.96 -22.88
N ARG B 82 -0.32 -41.55 -22.66
CA ARG B 82 -1.17 -41.01 -23.71
C ARG B 82 -1.32 -39.51 -23.47
N VAL B 83 -0.86 -38.70 -24.41
CA VAL B 83 -0.93 -37.25 -24.31
C VAL B 83 -1.80 -36.72 -25.44
N ASN B 84 -2.72 -35.81 -25.12
CA ASN B 84 -3.48 -35.09 -26.12
C ASN B 84 -3.42 -33.59 -25.82
N HIS B 85 -3.29 -32.80 -26.88
CA HIS B 85 -3.07 -31.37 -26.79
C HIS B 85 -3.72 -30.72 -28.00
N VAL B 86 -4.05 -29.43 -27.88
CA VAL B 86 -4.69 -28.74 -29.00
C VAL B 86 -3.81 -28.79 -30.25
N THR B 87 -2.50 -28.91 -30.07
CA THR B 87 -1.56 -28.95 -31.20
C THR B 87 -1.46 -30.33 -31.84
N LEU B 88 -2.31 -31.28 -31.46
CA LEU B 88 -2.22 -32.66 -31.93
C LEU B 88 -3.49 -33.06 -32.66
N SER B 89 -3.30 -33.72 -33.81
CA SER B 89 -4.44 -34.24 -34.57
C SER B 89 -5.10 -35.41 -33.83
N GLN B 90 -4.36 -36.12 -33.01
CA GLN B 90 -4.88 -37.24 -32.23
C GLN B 90 -3.93 -37.51 -31.08
N PRO B 91 -4.39 -38.19 -30.02
CA PRO B 91 -3.51 -38.49 -28.89
C PRO B 91 -2.21 -39.15 -29.33
N LYS B 92 -1.11 -38.73 -28.69
CA LYS B 92 0.22 -39.27 -28.95
C LYS B 92 0.59 -40.24 -27.83
N ILE B 93 0.86 -41.49 -28.19
CA ILE B 93 1.16 -42.54 -27.23
C ILE B 93 2.64 -42.89 -27.32
N VAL B 94 3.31 -42.89 -26.18
CA VAL B 94 4.72 -43.23 -26.08
C VAL B 94 4.84 -44.40 -25.13
N LYS B 95 5.29 -45.54 -25.64
CA LYS B 95 5.43 -46.74 -24.83
C LYS B 95 6.65 -46.61 -23.90
N TRP B 96 6.53 -47.20 -22.73
CA TRP B 96 7.64 -47.19 -21.78
C TRP B 96 8.69 -48.19 -22.22
N ASP B 97 9.92 -47.72 -22.36
CA ASP B 97 11.08 -48.56 -22.63
C ASP B 97 11.95 -48.53 -21.38
N ARG B 98 12.08 -49.68 -20.71
CA ARG B 98 12.83 -49.72 -19.47
C ARG B 98 14.31 -49.44 -19.70
N ASP B 99 14.79 -49.52 -20.94
CA ASP B 99 16.15 -49.18 -21.30
C ASP B 99 16.33 -47.70 -21.60
N MET B 100 15.28 -46.90 -21.46
CA MET B 100 15.34 -45.47 -21.78
C MET B 100 14.66 -44.60 -20.72
N LEU C 1 10.15 -15.41 -0.04
CA LEU C 1 9.20 -14.34 0.31
C LEU C 1 8.67 -13.65 -0.94
N ARG C 2 7.35 -13.70 -1.12
CA ARG C 2 6.75 -13.05 -2.27
C ARG C 2 6.72 -11.53 -2.06
N VAL C 3 6.68 -10.81 -3.18
CA VAL C 3 6.51 -9.37 -3.18
C VAL C 3 5.04 -9.04 -2.96
N MET C 4 4.77 -7.95 -2.24
CA MET C 4 3.41 -7.44 -2.07
C MET C 4 3.22 -6.29 -3.04
N MET C 5 2.46 -6.53 -4.11
CA MET C 5 2.23 -5.48 -5.07
C MET C 5 0.96 -5.76 -5.85
N LEU C 6 0.16 -4.72 -6.06
CA LEU C 6 -1.02 -4.78 -6.91
C LEU C 6 -0.76 -3.80 -8.04
N ALA C 7 -0.48 -4.32 -9.24
CA ALA C 7 -0.15 -3.48 -10.39
C ALA C 7 -0.97 -3.93 -11.58
N PRO C 8 -2.21 -3.46 -11.69
CA PRO C 8 -3.07 -3.86 -12.80
C PRO C 8 -2.56 -3.35 -14.13
N PHE C 9 -2.81 -4.13 -15.18
CA PHE C 9 -2.44 -3.76 -16.54
C PHE C 9 -3.24 -2.56 -17.06
N LYS D 1 -7.45 -6.15 11.52
CA LYS D 1 -6.52 -6.26 12.65
C LYS D 1 -5.40 -5.23 12.53
N GLN D 2 -5.35 -4.54 11.40
CA GLN D 2 -4.31 -3.53 11.18
C GLN D 2 -4.65 -2.28 11.96
N GLU D 3 -3.75 -1.86 12.84
CA GLU D 3 -3.94 -0.68 13.69
C GLU D 3 -2.64 0.11 13.75
N VAL D 4 -2.75 1.42 13.63
CA VAL D 4 -1.62 2.34 13.55
C VAL D 4 -1.61 3.20 14.81
N THR D 5 -0.42 3.34 15.41
CA THR D 5 -0.24 4.11 16.64
C THR D 5 0.89 5.12 16.45
N GLN D 6 0.67 6.36 16.90
CA GLN D 6 1.66 7.42 16.80
C GLN D 6 1.94 8.00 18.17
N ILE D 7 3.22 8.20 18.48
CA ILE D 7 3.61 8.88 19.70
C ILE D 7 4.52 10.06 19.35
N PRO D 8 4.37 11.20 20.01
CA PRO D 8 3.33 11.54 21.00
C PRO D 8 2.05 11.99 20.31
N ALA D 9 0.92 12.09 21.03
CA ALA D 9 -0.30 12.61 20.43
C ALA D 9 -0.20 14.09 20.09
N ALA D 10 0.70 14.81 20.76
CA ALA D 10 0.95 16.22 20.46
C ALA D 10 2.39 16.52 20.84
N LEU D 11 2.97 17.50 20.15
CA LEU D 11 4.38 17.81 20.34
C LEU D 11 4.59 19.29 20.10
N SER D 12 5.41 19.91 20.93
CA SER D 12 5.78 21.31 20.79
C SER D 12 7.29 21.38 20.70
N VAL D 13 7.80 21.88 19.58
CA VAL D 13 9.24 21.94 19.36
C VAL D 13 9.65 23.39 19.18
N PRO D 14 10.85 23.78 19.62
CA PRO D 14 11.31 25.14 19.35
C PRO D 14 11.63 25.33 17.88
N GLU D 15 11.30 26.51 17.37
CA GLU D 15 11.60 26.84 15.98
C GLU D 15 13.09 26.64 15.70
N GLY D 16 13.39 26.00 14.57
CA GLY D 16 14.75 25.76 14.15
C GLY D 16 15.33 24.42 14.58
N GLU D 17 14.76 23.78 15.59
CA GLU D 17 15.25 22.50 16.08
C GLU D 17 14.68 21.36 15.26
N ASN D 18 15.50 20.33 15.03
CA ASN D 18 15.04 19.13 14.36
C ASN D 18 14.06 18.37 15.26
N LEU D 19 13.19 17.59 14.62
CA LEU D 19 12.19 16.82 15.35
C LEU D 19 12.03 15.44 14.73
N VAL D 20 11.38 14.56 15.47
CA VAL D 20 11.12 13.19 15.07
C VAL D 20 9.70 12.83 15.49
N LEU D 21 8.95 12.18 14.61
CA LEU D 21 7.61 11.70 14.90
C LEU D 21 7.58 10.19 14.73
N ASN D 22 7.00 9.48 15.69
CA ASN D 22 7.03 8.03 15.70
C ASN D 22 5.68 7.45 15.28
N CYS D 23 5.74 6.20 14.80
CA CYS D 23 4.57 5.51 14.29
C CYS D 23 4.84 4.01 14.36
N SER D 24 3.81 3.24 14.66
CA SER D 24 3.95 1.79 14.68
C SER D 24 2.65 1.17 14.19
N PHE D 25 2.77 -0.03 13.62
CA PHE D 25 1.62 -0.75 13.10
C PHE D 25 1.70 -2.22 13.50
N THR D 26 0.56 -2.89 13.42
CA THR D 26 0.41 -4.23 13.98
C THR D 26 0.65 -5.34 12.97
N ASP D 27 0.45 -5.07 11.68
CA ASP D 27 0.59 -6.06 10.62
C ASP D 27 1.77 -5.68 9.74
N SER D 28 2.78 -6.56 9.66
CA SER D 28 3.97 -6.30 8.86
C SER D 28 3.72 -6.40 7.35
N ALA D 29 2.66 -7.09 6.93
CA ALA D 29 2.37 -7.24 5.50
C ALA D 29 1.64 -5.98 5.04
N ILE D 30 2.38 -5.04 4.46
CA ILE D 30 1.80 -3.80 3.97
C ILE D 30 2.25 -3.58 2.53
N TYR D 31 1.45 -2.78 1.82
CA TYR D 31 1.76 -2.36 0.47
C TYR D 31 2.62 -1.09 0.44
N ASN D 32 2.32 -0.12 1.30
CA ASN D 32 3.14 1.08 1.41
C ASN D 32 2.84 1.77 2.74
N LEU D 33 3.73 2.68 3.12
CA LEU D 33 3.54 3.50 4.30
C LEU D 33 3.67 4.97 3.92
N GLN D 34 2.77 5.80 4.44
CA GLN D 34 2.71 7.20 4.06
C GLN D 34 2.69 8.08 5.31
N TRP D 35 3.20 9.30 5.14
CA TRP D 35 3.09 10.33 6.17
C TRP D 35 2.28 11.49 5.59
N PHE D 36 1.19 11.84 6.26
CA PHE D 36 0.27 12.88 5.82
C PHE D 36 0.39 14.13 6.68
N ARG D 37 -0.01 15.25 6.09
CA ARG D 37 -0.17 16.53 6.80
C ARG D 37 -1.64 16.94 6.68
N GLN D 38 -2.31 17.09 7.83
CA GLN D 38 -3.69 17.57 7.87
C GLN D 38 -3.70 18.96 8.50
N ASP D 39 -4.23 19.93 7.76
CA ASP D 39 -4.33 21.31 8.21
C ASP D 39 -5.79 21.65 8.45
N PRO D 40 -6.14 22.21 9.60
CA PRO D 40 -7.54 22.59 9.85
C PRO D 40 -8.02 23.59 8.79
N GLY D 41 -9.17 23.30 8.21
CA GLY D 41 -9.70 24.13 7.14
C GLY D 41 -9.39 23.51 5.81
N LYS D 42 -8.15 23.05 5.63
CA LYS D 42 -7.76 22.34 4.43
C LYS D 42 -7.96 20.85 4.64
N GLY D 43 -7.55 20.06 3.65
CA GLY D 43 -7.70 18.62 3.70
C GLY D 43 -6.44 17.92 4.16
N LEU D 44 -6.18 16.77 3.58
CA LEU D 44 -4.99 15.97 3.84
C LEU D 44 -4.07 16.00 2.64
N THR D 45 -2.77 16.01 2.91
CA THR D 45 -1.75 16.01 1.87
C THR D 45 -0.73 14.94 2.20
N SER D 46 -0.50 14.03 1.26
CA SER D 46 0.53 13.01 1.43
C SER D 46 1.89 13.64 1.23
N LEU D 47 2.75 13.55 2.25
CA LEU D 47 4.09 14.12 2.21
C LEU D 47 5.10 13.14 1.63
N LEU D 48 5.02 11.88 2.01
CA LEU D 48 5.97 10.85 1.60
C LEU D 48 5.25 9.53 1.40
N LEU D 49 5.73 8.76 0.44
CA LEU D 49 5.26 7.40 0.21
C LEU D 49 6.46 6.46 0.19
N ILE D 50 6.50 5.52 1.13
CA ILE D 50 7.53 4.49 1.17
C ILE D 50 6.93 3.19 0.65
N GLN D 51 7.54 2.64 -0.41
CA GLN D 51 7.07 1.38 -0.97
C GLN D 51 7.26 0.24 0.05
N SER D 52 6.56 -0.87 -0.22
CA SER D 52 6.57 -2.01 0.69
C SER D 52 7.97 -2.47 1.03
N SER D 53 8.88 -2.43 0.06
CA SER D 53 10.21 -2.96 0.22
C SER D 53 11.27 -1.87 0.37
N GLN D 54 10.87 -0.60 0.37
CA GLN D 54 11.83 0.45 0.63
C GLN D 54 12.10 0.59 2.12
N ARG D 55 13.23 1.23 2.44
CA ARG D 55 13.58 1.52 3.82
C ARG D 55 13.39 2.98 4.19
N GLU D 56 13.62 3.90 3.25
CA GLU D 56 13.48 5.32 3.56
C GLU D 56 13.05 6.08 2.30
N GLN D 57 12.54 7.29 2.54
CA GLN D 57 12.13 8.20 1.49
C GLN D 57 12.41 9.61 1.99
N THR D 58 12.87 10.48 1.10
CA THR D 58 13.29 11.82 1.45
C THR D 58 12.64 12.85 0.53
N SER D 59 12.14 13.94 1.11
CA SER D 59 11.53 15.03 0.35
C SER D 59 11.84 16.34 1.08
N GLY D 60 12.81 17.08 0.58
CA GLY D 60 13.22 18.31 1.23
C GLY D 60 13.76 18.10 2.63
N ARG D 61 13.12 18.72 3.62
CA ARG D 61 13.52 18.57 5.03
C ARG D 61 12.92 17.33 5.67
N LEU D 62 12.21 16.52 4.91
CA LEU D 62 11.54 15.34 5.43
C LEU D 62 12.35 14.09 5.13
N ASN D 63 12.42 13.20 6.11
CA ASN D 63 13.07 11.91 5.96
C ASN D 63 12.26 10.91 6.77
N ALA D 64 11.65 9.94 6.10
CA ALA D 64 10.87 8.90 6.73
C ALA D 64 11.56 7.56 6.56
N SER D 65 11.42 6.70 7.56
CA SER D 65 12.00 5.36 7.53
C SER D 65 10.92 4.33 7.80
N LEU D 66 11.09 3.15 7.21
CA LEU D 66 10.15 2.05 7.35
C LEU D 66 10.88 0.82 7.84
N ASP D 67 10.33 0.16 8.86
CA ASP D 67 10.86 -1.10 9.37
C ASP D 67 9.68 -2.03 9.59
N LYS D 68 9.34 -2.82 8.56
CA LYS D 68 8.18 -3.69 8.62
C LYS D 68 8.36 -4.80 9.63
N SER D 69 9.60 -5.28 9.80
CA SER D 69 9.86 -6.38 10.73
C SER D 69 9.42 -6.01 12.14
N SER D 70 9.77 -4.80 12.58
CA SER D 70 9.31 -4.30 13.87
C SER D 70 8.00 -3.53 13.77
N GLY D 71 7.55 -3.23 12.56
CA GLY D 71 6.31 -2.50 12.37
C GLY D 71 6.37 -1.10 12.93
N ARG D 72 7.40 -0.34 12.54
CA ARG D 72 7.63 0.99 13.07
C ARG D 72 8.06 1.91 11.93
N SER D 73 7.76 3.19 12.08
CA SER D 73 8.18 4.20 11.13
C SER D 73 8.47 5.50 11.86
N THR D 74 9.38 6.28 11.30
CA THR D 74 9.87 7.50 11.93
C THR D 74 9.93 8.60 10.87
N LEU D 75 9.29 9.72 11.16
CA LEU D 75 9.35 10.89 10.29
C LEU D 75 10.25 11.93 10.94
N TYR D 76 11.31 12.30 10.25
CA TYR D 76 12.27 13.28 10.74
C TYR D 76 12.11 14.56 9.93
N ILE D 77 11.83 15.66 10.63
CA ILE D 77 11.70 16.97 10.02
C ILE D 77 12.86 17.83 10.50
N ALA D 78 13.68 18.30 9.57
CA ALA D 78 14.83 19.12 9.91
C ALA D 78 14.49 20.60 9.84
N ALA D 79 15.07 21.37 10.76
CA ALA D 79 14.89 22.82 10.84
C ALA D 79 13.41 23.20 10.90
N SER D 80 12.78 22.82 12.01
CA SER D 80 11.35 23.04 12.16
C SER D 80 11.02 24.52 12.02
N GLN D 81 10.18 24.84 11.02
CA GLN D 81 9.65 26.16 10.74
C GLN D 81 8.22 26.28 11.25
N PRO D 82 7.78 27.49 11.61
CA PRO D 82 6.40 27.63 12.12
C PRO D 82 5.34 27.09 11.16
N GLY D 83 5.60 27.12 9.85
CA GLY D 83 4.68 26.54 8.89
C GLY D 83 4.53 25.04 8.98
N ASP D 84 5.42 24.36 9.70
CA ASP D 84 5.29 22.92 9.90
C ASP D 84 4.19 22.57 10.90
N SER D 85 3.61 23.55 11.59
CA SER D 85 2.56 23.31 12.56
C SER D 85 1.34 22.70 11.87
N ALA D 86 1.04 21.45 12.20
CA ALA D 86 -0.06 20.70 11.62
C ALA D 86 -0.20 19.40 12.40
N THR D 87 -1.21 18.62 12.05
CA THR D 87 -1.34 17.26 12.59
C THR D 87 -0.74 16.30 11.59
N TYR D 88 0.24 15.52 12.03
CA TYR D 88 0.96 14.60 11.16
C TYR D 88 0.39 13.20 11.36
N LEU D 89 -0.09 12.62 10.27
CA LEU D 89 -0.78 11.35 10.28
C LEU D 89 0.09 10.30 9.64
N CYS D 90 0.07 9.11 10.22
CA CYS D 90 0.80 7.96 9.72
C CYS D 90 -0.20 6.99 9.13
N ALA D 91 -0.05 6.66 7.86
CA ALA D 91 -0.95 5.75 7.17
C ALA D 91 -0.17 4.58 6.60
N VAL D 92 -0.77 3.40 6.69
CA VAL D 92 -0.26 2.22 5.98
C VAL D 92 -1.33 1.73 5.03
N ASN D 93 -0.91 1.40 3.82
CA ASN D 93 -1.75 0.71 2.86
C ASN D 93 -1.48 -0.78 2.98
N SER D 94 -2.52 -1.54 3.33
CA SER D 94 -2.38 -2.97 3.56
C SER D 94 -3.64 -3.66 3.09
N PRO D 95 -3.59 -4.98 2.83
CA PRO D 95 -4.77 -5.66 2.28
C PRO D 95 -5.97 -5.60 3.19
N GLY D 96 -7.14 -5.67 2.59
CA GLY D 96 -8.40 -5.73 3.30
C GLY D 96 -8.94 -7.14 3.38
N SER D 97 -10.26 -7.23 3.53
CA SER D 97 -10.90 -8.54 3.69
C SER D 97 -10.90 -9.33 2.38
N GLY D 98 -11.16 -8.67 1.26
CA GLY D 98 -11.23 -9.36 -0.02
C GLY D 98 -9.88 -9.56 -0.69
N ALA D 99 -9.78 -10.61 -1.50
CA ALA D 99 -8.58 -10.84 -2.29
C ALA D 99 -8.34 -9.68 -3.24
N GLY D 100 -7.12 -9.14 -3.21
CA GLY D 100 -6.82 -7.99 -4.03
C GLY D 100 -7.24 -6.66 -3.43
N SER D 101 -7.87 -6.66 -2.27
CA SER D 101 -8.33 -5.43 -1.66
C SER D 101 -7.20 -4.77 -0.88
N TYR D 102 -7.31 -3.45 -0.72
CA TYR D 102 -6.36 -2.68 0.05
C TYR D 102 -7.10 -1.51 0.67
N GLN D 103 -6.51 -0.95 1.73
CA GLN D 103 -7.13 0.19 2.39
C GLN D 103 -6.09 0.90 3.23
N LEU D 104 -6.23 2.22 3.31
CA LEU D 104 -5.42 3.02 4.21
C LEU D 104 -5.94 2.88 5.63
N THR D 105 -5.04 2.56 6.55
CA THR D 105 -5.33 2.58 7.97
C THR D 105 -4.56 3.74 8.59
N PHE D 106 -5.24 4.55 9.39
CA PHE D 106 -4.66 5.79 9.90
C PHE D 106 -4.44 5.70 11.41
N GLY D 107 -3.33 6.30 11.87
CA GLY D 107 -3.19 6.60 13.28
C GLY D 107 -3.93 7.87 13.66
N LYS D 108 -4.12 8.06 14.97
CA LYS D 108 -4.84 9.23 15.45
C LYS D 108 -4.08 10.52 15.15
N GLY D 109 -2.78 10.46 14.95
CA GLY D 109 -2.00 11.60 14.53
C GLY D 109 -1.17 12.20 15.65
N THR D 110 -0.34 13.17 15.26
CA THR D 110 0.53 13.90 16.18
C THR D 110 0.37 15.39 15.87
N LYS D 111 -0.27 16.14 16.77
CA LYS D 111 -0.43 17.57 16.59
C LYS D 111 0.89 18.26 16.93
N LEU D 112 1.59 18.73 15.89
CA LEU D 112 2.88 19.39 16.06
C LEU D 112 2.70 20.90 16.12
N SER D 113 3.33 21.53 17.11
CA SER D 113 3.33 22.98 17.25
C SER D 113 4.77 23.46 17.25
N VAL D 114 5.10 24.35 16.31
CA VAL D 114 6.43 24.94 16.21
C VAL D 114 6.31 26.35 16.79
N ILE D 115 6.61 26.48 18.08
CA ILE D 115 6.57 27.79 18.73
C ILE D 115 7.76 28.62 18.26
N PRO D 116 7.54 29.83 17.77
CA PRO D 116 8.66 30.65 17.28
C PRO D 116 9.50 31.19 18.43
N ASN D 117 10.71 31.61 18.08
CA ASN D 117 11.66 32.13 19.05
C ASN D 117 11.21 33.49 19.53
N ILE D 118 10.76 33.55 20.79
CA ILE D 118 10.32 34.82 21.38
C ILE D 118 11.48 35.48 22.09
N GLN D 119 12.33 36.18 21.34
CA GLN D 119 13.39 36.98 21.92
C GLN D 119 12.86 38.39 22.19
N ASN D 120 13.33 38.98 23.30
CA ASN D 120 12.92 40.30 23.74
C ASN D 120 11.40 40.36 23.90
N PRO D 121 10.83 39.65 24.89
CA PRO D 121 9.40 39.77 25.14
C PRO D 121 9.09 40.97 26.01
N ASP D 122 7.84 41.42 25.90
CA ASP D 122 7.36 42.61 26.61
C ASP D 122 5.98 42.32 27.18
N PRO D 123 5.91 41.47 28.21
CA PRO D 123 4.61 41.03 28.71
C PRO D 123 3.77 42.20 29.22
N ALA D 124 2.49 42.20 28.82
CA ALA D 124 1.58 43.27 29.18
C ALA D 124 0.15 42.75 29.11
N VAL D 125 -0.74 43.42 29.84
CA VAL D 125 -2.16 43.08 29.85
C VAL D 125 -2.93 44.37 29.59
N TYR D 126 -3.45 44.52 28.38
CA TYR D 126 -4.20 45.70 27.98
C TYR D 126 -5.70 45.42 28.04
N GLN D 127 -6.48 46.50 28.10
CA GLN D 127 -7.92 46.43 28.08
C GLN D 127 -8.44 47.10 26.82
N LEU D 128 -9.37 46.45 26.12
CA LEU D 128 -9.90 46.94 24.86
C LEU D 128 -11.40 47.18 24.99
N ARG D 129 -11.87 48.29 24.42
CA ARG D 129 -13.27 48.66 24.42
C ARG D 129 -13.95 48.19 23.15
N ASP D 130 -15.22 47.79 23.29
CA ASP D 130 -16.03 47.43 22.13
C ASP D 130 -16.31 48.66 21.29
N SER D 131 -16.19 48.51 19.96
CA SER D 131 -16.42 49.63 19.06
C SER D 131 -17.88 50.09 19.08
N LYS D 132 -18.80 49.24 19.56
CA LYS D 132 -20.21 49.58 19.66
C LYS D 132 -20.72 49.42 21.08
N SER D 133 -19.86 49.60 22.08
CA SER D 133 -20.24 49.51 23.48
C SER D 133 -19.14 50.09 24.36
N SER D 134 -19.53 50.84 25.39
CA SER D 134 -18.57 51.36 26.34
C SER D 134 -18.47 50.52 27.61
N ASP D 135 -19.50 49.74 27.93
CA ASP D 135 -19.50 48.86 29.09
C ASP D 135 -19.00 47.45 28.79
N LYS D 136 -18.72 47.15 27.52
CA LYS D 136 -18.20 45.85 27.10
C LYS D 136 -16.71 45.98 26.82
N SER D 137 -15.90 45.23 27.57
CA SER D 137 -14.46 45.27 27.44
C SER D 137 -13.90 43.85 27.44
N VAL D 138 -12.67 43.74 26.98
CA VAL D 138 -11.93 42.48 26.98
C VAL D 138 -10.52 42.76 27.46
N CYS D 139 -9.93 41.77 28.13
CA CYS D 139 -8.56 41.85 28.61
C CYS D 139 -7.64 41.07 27.69
N LEU D 140 -6.49 41.65 27.36
CA LEU D 140 -5.56 41.07 26.38
C LEU D 140 -4.18 40.90 27.01
N PHE D 141 -3.78 39.66 27.25
CA PHE D 141 -2.42 39.33 27.65
C PHE D 141 -1.60 39.06 26.40
N THR D 142 -0.55 39.84 26.18
CA THR D 142 0.21 39.74 24.94
C THR D 142 1.70 39.93 25.21
N ASP D 143 2.50 39.46 24.25
CA ASP D 143 3.95 39.70 24.20
C ASP D 143 4.70 39.03 25.35
N PHE D 144 4.27 37.83 25.71
CA PHE D 144 4.97 36.98 26.67
C PHE D 144 5.70 35.88 25.92
N ASP D 145 6.70 35.30 26.60
CA ASP D 145 7.45 34.21 25.99
C ASP D 145 6.60 32.95 25.89
N SER D 146 7.01 32.03 25.02
CA SER D 146 6.27 30.79 24.83
C SER D 146 6.45 29.80 25.98
N GLN D 147 7.24 30.14 27.00
CA GLN D 147 7.35 29.30 28.19
C GLN D 147 6.17 29.46 29.14
N THR D 148 5.46 30.60 29.06
CA THR D 148 4.34 30.89 29.95
C THR D 148 3.15 30.01 29.59
N ASN D 149 2.80 29.10 30.50
CA ASN D 149 1.64 28.24 30.32
C ASN D 149 0.41 28.97 30.85
N VAL D 150 -0.46 29.41 29.96
CA VAL D 150 -1.70 30.07 30.35
C VAL D 150 -2.73 29.00 30.75
N SER D 151 -3.59 29.35 31.69
CA SER D 151 -4.61 28.43 32.19
C SER D 151 -6.00 29.04 32.00
N GLN D 152 -7.00 28.16 31.94
CA GLN D 152 -8.37 28.58 31.67
C GLN D 152 -8.95 29.26 32.90
N SER D 153 -10.26 29.51 32.86
CA SER D 153 -10.89 30.45 33.79
C SER D 153 -10.81 29.97 35.23
N LYS D 154 -10.51 30.90 36.14
CA LYS D 154 -10.53 30.61 37.57
C LYS D 154 -11.96 30.47 38.07
N ASP D 155 -12.87 31.29 37.55
CA ASP D 155 -14.29 31.23 37.88
C ASP D 155 -15.07 30.98 36.59
N SER D 156 -16.14 30.19 36.69
CA SER D 156 -16.93 29.85 35.51
C SER D 156 -17.56 31.08 34.86
N ASP D 157 -17.66 32.19 35.59
CA ASP D 157 -18.17 33.43 35.01
C ASP D 157 -17.18 34.08 34.06
N VAL D 158 -15.92 33.70 34.11
CA VAL D 158 -14.88 34.25 33.26
C VAL D 158 -14.57 33.26 32.15
N TYR D 159 -14.03 33.78 31.04
CA TYR D 159 -13.65 32.95 29.90
C TYR D 159 -12.27 33.38 29.44
N ILE D 160 -11.34 32.42 29.38
CA ILE D 160 -9.97 32.68 28.95
C ILE D 160 -9.62 31.72 27.83
N THR D 161 -9.18 32.26 26.70
CA THR D 161 -8.66 31.45 25.61
C THR D 161 -7.15 31.32 25.76
N ASP D 162 -6.59 30.22 25.25
CA ASP D 162 -5.17 29.99 25.42
C ASP D 162 -4.37 30.77 24.38
N LYS D 163 -3.05 30.69 24.50
CA LYS D 163 -2.15 31.51 23.70
C LYS D 163 -2.28 31.19 22.21
N CYS D 164 -1.72 32.08 21.40
CA CYS D 164 -1.84 31.99 19.95
C CYS D 164 -0.88 32.99 19.32
N VAL D 165 -0.27 32.60 18.21
CA VAL D 165 0.81 33.35 17.59
C VAL D 165 0.29 34.08 16.36
N LEU D 166 0.60 35.38 16.27
CA LEU D 166 0.35 36.17 15.08
C LEU D 166 1.69 36.60 14.50
N ASP D 167 1.80 36.57 13.17
CA ASP D 167 3.05 36.84 12.47
C ASP D 167 2.86 38.08 11.59
N MET D 168 3.37 39.22 12.04
CA MET D 168 3.37 40.43 11.21
C MET D 168 4.52 40.31 10.23
N ARG D 169 4.24 39.69 9.08
CA ARG D 169 5.28 39.35 8.13
C ARG D 169 6.07 40.57 7.64
N SER D 170 5.42 41.73 7.58
CA SER D 170 6.06 42.90 6.97
C SER D 170 7.24 43.40 7.80
N MET D 171 7.22 43.16 9.12
CA MET D 171 8.32 43.57 9.99
C MET D 171 8.89 42.41 10.79
N ASP D 172 8.56 41.17 10.42
CA ASP D 172 9.09 39.97 11.08
C ASP D 172 8.91 40.05 12.59
N PHE D 173 7.68 40.32 13.02
CA PHE D 173 7.35 40.47 14.44
C PHE D 173 6.27 39.47 14.79
N LYS D 174 6.65 38.41 15.49
CA LYS D 174 5.70 37.42 15.98
C LYS D 174 5.50 37.61 17.48
N SER D 175 4.25 37.47 17.93
CA SER D 175 3.94 37.73 19.33
C SER D 175 2.84 36.79 19.80
N ASN D 176 2.93 36.40 21.07
CA ASN D 176 1.90 35.60 21.71
C ASN D 176 0.80 36.50 22.25
N SER D 177 -0.41 35.94 22.37
CA SER D 177 -1.54 36.71 22.84
C SER D 177 -2.64 35.78 23.32
N ALA D 178 -3.42 36.25 24.29
CA ALA D 178 -4.58 35.54 24.79
C ALA D 178 -5.56 36.56 25.34
N VAL D 179 -6.84 36.33 25.11
CA VAL D 179 -7.88 37.25 25.53
C VAL D 179 -8.69 36.63 26.67
N ALA D 180 -9.32 37.50 27.45
CA ALA D 180 -10.17 37.08 28.55
C ALA D 180 -11.29 38.10 28.71
N TRP D 181 -12.50 37.61 28.98
CA TRP D 181 -13.64 38.49 29.14
C TRP D 181 -14.61 37.85 30.13
N SER D 182 -15.49 38.68 30.68
CA SER D 182 -16.50 38.22 31.62
C SER D 182 -17.58 39.28 31.73
N ASN D 183 -18.74 38.85 32.23
CA ASN D 183 -19.86 39.75 32.48
C ASN D 183 -19.85 40.35 33.88
N LYS D 184 -18.99 39.85 34.77
CA LYS D 184 -18.97 40.32 36.15
C LYS D 184 -18.64 41.80 36.23
N SER D 185 -19.22 42.47 37.23
CA SER D 185 -18.93 43.89 37.43
C SER D 185 -17.50 44.10 37.90
N ASP D 186 -17.04 43.28 38.86
CA ASP D 186 -15.69 43.33 39.40
C ASP D 186 -14.68 42.61 38.52
N PHE D 187 -14.94 42.53 37.21
CA PHE D 187 -14.00 41.86 36.31
C PHE D 187 -12.89 42.83 35.95
N ALA D 188 -11.87 42.87 36.80
CA ALA D 188 -10.67 43.64 36.50
C ALA D 188 -9.71 42.77 35.69
N CYS D 189 -8.96 43.43 34.80
CA CYS D 189 -7.97 42.71 34.01
C CYS D 189 -6.81 42.20 34.85
N ALA D 190 -6.66 42.69 36.08
CA ALA D 190 -5.63 42.14 36.97
C ALA D 190 -6.04 40.77 37.49
N ASN D 191 -7.31 40.60 37.87
CA ASN D 191 -7.81 39.32 38.35
C ASN D 191 -8.15 38.36 37.21
N ALA D 192 -8.24 38.86 35.98
CA ALA D 192 -8.54 37.98 34.85
C ALA D 192 -7.45 36.92 34.68
N PHE D 193 -6.21 37.36 34.51
CA PHE D 193 -5.07 36.46 34.38
C PHE D 193 -4.40 36.24 35.73
N ASN D 194 -5.18 35.75 36.70
CA ASN D 194 -4.68 35.53 38.04
C ASN D 194 -4.44 34.05 38.35
N ASN D 195 -4.96 33.14 37.53
CA ASN D 195 -4.67 31.72 37.68
C ASN D 195 -3.46 31.28 36.86
N SER D 196 -3.06 32.06 35.87
CA SER D 196 -1.92 31.73 35.04
C SER D 196 -0.63 32.28 35.65
N ILE D 197 0.47 31.56 35.43
CA ILE D 197 1.77 32.00 35.92
C ILE D 197 2.23 33.18 35.07
N ILE D 198 1.86 34.39 35.49
CA ILE D 198 2.17 35.60 34.75
C ILE D 198 3.53 36.13 35.22
N PRO D 199 4.41 36.56 34.31
CA PRO D 199 5.70 37.11 34.74
C PRO D 199 5.49 38.38 35.56
N GLU D 200 6.38 38.56 36.55
CA GLU D 200 6.24 39.72 37.43
C GLU D 200 6.54 41.03 36.70
N ASP D 201 7.47 41.01 35.75
CA ASP D 201 7.78 42.20 34.97
C ASP D 201 6.76 42.41 33.86
N THR D 202 5.47 42.34 34.21
CA THR D 202 4.38 42.53 33.26
C THR D 202 3.83 43.94 33.39
N PHE D 203 3.77 44.65 32.26
CA PHE D 203 3.25 46.01 32.23
C PHE D 203 1.73 45.98 32.40
N PHE D 204 1.26 46.44 33.56
CA PHE D 204 -0.18 46.52 33.83
C PHE D 204 -0.62 47.98 33.81
N PRO D 205 -1.18 48.48 32.69
CA PRO D 205 -1.55 49.90 32.62
C PRO D 205 -2.69 50.26 33.57
N SER D 206 -3.15 51.51 33.48
CA SER D 206 -4.23 52.02 34.33
C SER D 206 -5.48 51.15 34.22
N SER E 2 -5.82 20.27 -10.82
CA SER E 2 -7.12 19.71 -10.44
C SER E 2 -7.00 18.87 -9.18
N GLY E 3 -7.94 19.06 -8.25
CA GLY E 3 -7.97 18.33 -7.01
C GLY E 3 -9.33 17.73 -6.76
N VAL E 4 -9.44 17.05 -5.62
CA VAL E 4 -10.70 16.46 -5.19
C VAL E 4 -11.58 17.53 -4.59
N THR E 5 -12.83 17.58 -5.03
CA THR E 5 -13.80 18.54 -4.53
C THR E 5 -14.90 17.80 -3.78
N GLN E 6 -15.40 18.44 -2.72
CA GLN E 6 -16.45 17.85 -1.89
C GLN E 6 -17.50 18.89 -1.57
N THR E 7 -18.76 18.47 -1.54
CA THR E 7 -19.89 19.32 -1.23
C THR E 7 -20.91 18.51 -0.42
N PRO E 8 -21.57 19.13 0.56
CA PRO E 8 -21.38 20.52 0.99
C PRO E 8 -20.19 20.63 1.92
N LYS E 9 -19.76 21.86 2.25
CA LYS E 9 -18.66 22.00 3.20
C LYS E 9 -19.09 21.62 4.60
N HIS E 10 -20.33 21.90 4.98
CA HIS E 10 -20.80 21.67 6.33
C HIS E 10 -22.24 21.18 6.30
N LEU E 11 -22.62 20.45 7.34
CA LEU E 11 -23.95 19.88 7.43
C LEU E 11 -24.35 19.78 8.90
N ILE E 12 -25.41 20.47 9.28
CA ILE E 12 -25.98 20.38 10.62
C ILE E 12 -27.44 19.96 10.46
N THR E 13 -27.76 18.77 10.97
CA THR E 13 -29.10 18.22 10.81
C THR E 13 -29.46 17.44 12.07
N ALA E 14 -30.71 16.98 12.12
CA ALA E 14 -31.24 16.29 13.28
C ALA E 14 -31.01 14.78 13.16
N THR E 15 -31.18 14.09 14.28
CA THR E 15 -31.10 12.64 14.29
C THR E 15 -32.23 12.04 13.47
N GLY E 16 -32.00 10.85 12.94
CA GLY E 16 -32.97 10.18 12.10
C GLY E 16 -33.09 10.73 10.69
N GLN E 17 -32.43 11.84 10.37
CA GLN E 17 -32.49 12.40 9.03
C GLN E 17 -31.54 11.64 8.10
N ARG E 18 -31.54 12.06 6.82
CA ARG E 18 -30.65 11.52 5.81
C ARG E 18 -29.91 12.65 5.13
N VAL E 19 -28.62 12.44 4.86
CA VAL E 19 -27.79 13.41 4.15
C VAL E 19 -27.10 12.70 2.99
N THR E 20 -26.70 13.49 2.00
CA THR E 20 -25.95 13.00 0.86
C THR E 20 -24.71 13.87 0.69
N LEU E 21 -23.54 13.24 0.64
CA LEU E 21 -22.28 13.94 0.46
C LEU E 21 -21.78 13.68 -0.96
N ARG E 22 -21.45 14.75 -1.67
CA ARG E 22 -20.99 14.64 -3.05
C ARG E 22 -19.48 14.76 -3.12
N CYS E 23 -18.90 14.12 -4.12
CA CYS E 23 -17.46 14.17 -4.33
C CYS E 23 -17.16 14.08 -5.81
N SER E 24 -16.29 14.97 -6.27
CA SER E 24 -15.75 14.90 -7.63
C SER E 24 -14.26 14.57 -7.53
N PRO E 25 -13.84 13.40 -7.98
CA PRO E 25 -12.40 13.08 -8.00
C PRO E 25 -11.64 13.99 -8.95
N ARG E 26 -10.31 13.88 -8.88
CA ARG E 26 -9.43 14.57 -9.80
C ARG E 26 -9.63 14.04 -11.22
N SER E 27 -9.31 14.90 -12.19
CA SER E 27 -9.31 14.44 -13.58
C SER E 27 -8.38 13.27 -13.74
N GLY E 28 -8.87 12.21 -14.39
CA GLY E 28 -8.08 11.02 -14.62
C GLY E 28 -8.20 9.96 -13.55
N ASP E 29 -8.61 10.31 -12.33
CA ASP E 29 -8.76 9.33 -11.27
C ASP E 29 -10.06 8.57 -11.45
N LEU E 30 -9.97 7.25 -11.57
CA LEU E 30 -11.13 6.40 -11.74
C LEU E 30 -11.65 5.79 -10.44
N SER E 31 -10.86 5.78 -9.37
CA SER E 31 -11.28 5.23 -8.10
C SER E 31 -11.54 6.33 -7.09
N VAL E 32 -12.62 6.19 -6.32
CA VAL E 32 -12.99 7.12 -5.27
C VAL E 32 -13.00 6.36 -3.95
N TYR E 33 -12.67 7.08 -2.88
CA TYR E 33 -12.62 6.51 -1.54
C TYR E 33 -13.37 7.42 -0.58
N TRP E 34 -14.04 6.82 0.39
CA TRP E 34 -14.74 7.56 1.43
C TRP E 34 -14.17 7.19 2.78
N TYR E 35 -13.89 8.20 3.60
CA TYR E 35 -13.35 8.02 4.94
C TYR E 35 -14.17 8.81 5.95
N GLN E 36 -14.24 8.29 7.17
CA GLN E 36 -14.92 8.94 8.28
C GLN E 36 -13.90 9.24 9.37
N GLN E 37 -13.72 10.52 9.68
CA GLN E 37 -12.77 10.97 10.70
C GLN E 37 -13.55 11.45 11.91
N SER E 38 -13.83 10.53 12.83
CA SER E 38 -14.48 10.91 14.08
C SER E 38 -13.42 11.24 15.12
N LEU E 39 -13.89 11.83 16.23
CA LEU E 39 -12.98 12.08 17.34
C LEU E 39 -12.62 10.81 18.08
N ASP E 40 -13.54 9.84 18.15
CA ASP E 40 -13.30 8.63 18.92
C ASP E 40 -12.47 7.61 18.16
N GLN E 41 -12.59 7.55 16.83
CA GLN E 41 -11.89 6.54 16.07
C GLN E 41 -10.83 7.07 15.09
N GLY E 42 -10.74 8.39 14.91
CA GLY E 42 -9.82 8.89 13.89
C GLY E 42 -10.30 8.59 12.48
N LEU E 43 -9.37 8.69 11.53
CA LEU E 43 -9.69 8.43 10.13
C LEU E 43 -9.93 6.94 9.91
N GLN E 44 -11.11 6.61 9.39
CA GLN E 44 -11.52 5.23 9.15
C GLN E 44 -11.99 5.06 7.72
N PHE E 45 -11.55 3.98 7.08
CA PHE E 45 -11.96 3.68 5.72
C PHE E 45 -13.39 3.16 5.69
N LEU E 46 -14.20 3.70 4.79
CA LEU E 46 -15.59 3.30 4.64
C LEU E 46 -15.82 2.41 3.42
N ILE E 47 -15.52 2.91 2.22
CA ILE E 47 -15.86 2.19 1.00
C ILE E 47 -14.98 2.72 -0.12
N GLN E 48 -14.72 1.87 -1.12
CA GLN E 48 -13.96 2.26 -2.30
C GLN E 48 -14.69 1.82 -3.55
N TYR E 49 -14.87 2.73 -4.49
CA TYR E 49 -15.41 2.44 -5.80
C TYR E 49 -14.34 2.66 -6.87
N TYR E 50 -14.43 1.90 -7.95
CA TYR E 50 -13.52 2.06 -9.08
C TYR E 50 -14.33 1.96 -10.37
N ASN E 51 -14.37 3.07 -11.11
CA ASN E 51 -15.05 3.13 -12.40
C ASN E 51 -16.49 2.63 -12.28
N GLY E 52 -17.19 3.13 -11.27
CA GLY E 52 -18.58 2.81 -11.06
C GLY E 52 -18.85 1.57 -10.24
N GLU E 53 -17.87 0.69 -10.07
CA GLU E 53 -18.08 -0.58 -9.39
C GLU E 53 -17.43 -0.55 -8.01
N GLU E 54 -18.16 -1.03 -7.01
CA GLU E 54 -17.61 -1.14 -5.67
C GLU E 54 -16.45 -2.12 -5.65
N ARG E 55 -15.31 -1.69 -5.11
CA ARG E 55 -14.12 -2.53 -5.04
C ARG E 55 -13.79 -2.98 -3.63
N ALA E 56 -13.68 -2.05 -2.69
CA ALA E 56 -13.33 -2.39 -1.31
C ALA E 56 -14.36 -1.77 -0.36
N LYS E 57 -14.52 -2.41 0.79
CA LYS E 57 -15.46 -1.98 1.81
C LYS E 57 -14.87 -2.22 3.18
N GLY E 58 -15.02 -1.24 4.06
CA GLY E 58 -14.60 -1.33 5.44
C GLY E 58 -15.76 -1.64 6.37
N ASN E 59 -15.67 -1.13 7.60
CA ASN E 59 -16.74 -1.34 8.57
C ASN E 59 -17.85 -0.31 8.37
N ILE E 60 -18.31 -0.17 7.13
CA ILE E 60 -19.40 0.75 6.83
C ILE E 60 -20.72 0.11 7.25
N LEU E 61 -21.61 0.92 7.79
CA LEU E 61 -22.91 0.44 8.21
C LEU E 61 -23.84 0.29 7.01
N GLU E 62 -24.79 -0.64 7.12
CA GLU E 62 -25.76 -0.83 6.04
C GLU E 62 -26.69 0.36 5.89
N ARG E 63 -26.81 1.21 6.92
CA ARG E 63 -27.52 2.47 6.79
C ARG E 63 -26.68 3.53 6.09
N PHE E 64 -25.44 3.22 5.74
CA PHE E 64 -24.59 4.09 4.93
C PHE E 64 -24.48 3.47 3.54
N SER E 65 -24.95 4.21 2.54
CA SER E 65 -24.90 3.76 1.16
C SER E 65 -24.05 4.73 0.34
N ALA E 66 -23.39 4.20 -0.69
CA ALA E 66 -22.56 5.01 -1.55
C ALA E 66 -22.75 4.56 -2.99
N GLN E 67 -22.23 5.38 -3.91
CA GLN E 67 -22.39 5.09 -5.33
C GLN E 67 -21.36 5.91 -6.10
N GLN E 68 -20.81 5.32 -7.16
CA GLN E 68 -20.00 6.06 -8.11
C GLN E 68 -20.72 6.08 -9.46
N PHE E 69 -20.92 7.28 -9.99
CA PHE E 69 -21.76 7.51 -11.15
C PHE E 69 -20.93 7.41 -12.43
N PRO E 70 -21.56 7.46 -13.61
CA PRO E 70 -20.77 7.39 -14.85
C PRO E 70 -19.71 8.47 -14.96
N ASP E 71 -19.97 9.67 -14.45
CA ASP E 71 -18.99 10.76 -14.52
C ASP E 71 -17.88 10.63 -13.48
N LEU E 72 -17.85 9.52 -12.74
CA LEU E 72 -16.82 9.17 -11.78
C LEU E 72 -17.03 9.91 -10.47
N HIS E 73 -17.92 10.90 -10.45
CA HIS E 73 -18.25 11.55 -9.18
C HIS E 73 -19.02 10.58 -8.30
N SER E 74 -18.90 10.77 -6.99
CA SER E 74 -19.41 9.82 -6.01
C SER E 74 -20.34 10.50 -5.03
N GLU E 75 -21.28 9.73 -4.50
CA GLU E 75 -22.21 10.19 -3.48
C GLU E 75 -22.19 9.23 -2.29
N LEU E 76 -22.23 9.80 -1.09
CA LEU E 76 -22.30 9.02 0.13
C LEU E 76 -23.59 9.39 0.85
N ASN E 77 -24.50 8.42 0.98
CA ASN E 77 -25.78 8.64 1.64
C ASN E 77 -25.69 8.10 3.07
N LEU E 78 -25.85 8.99 4.05
CA LEU E 78 -25.85 8.64 5.47
C LEU E 78 -27.28 8.83 5.98
N SER E 79 -27.99 7.72 6.19
CA SER E 79 -29.38 7.77 6.61
C SER E 79 -29.52 7.30 8.06
N SER E 80 -30.69 7.56 8.63
CA SER E 80 -31.00 7.22 10.02
C SER E 80 -29.91 7.71 10.96
N LEU E 81 -29.60 9.00 10.84
CA LEU E 81 -28.41 9.57 11.47
C LEU E 81 -28.48 9.46 12.98
N GLU E 82 -27.33 9.16 13.57
CA GLU E 82 -27.15 9.10 15.02
C GLU E 82 -26.15 10.17 15.44
N LEU E 83 -26.06 10.39 16.76
CA LEU E 83 -25.09 11.34 17.27
C LEU E 83 -23.66 10.92 16.97
N GLY E 84 -23.40 9.61 16.93
CA GLY E 84 -22.06 9.11 16.66
C GLY E 84 -21.59 9.35 15.24
N ASP E 85 -22.52 9.68 14.33
CA ASP E 85 -22.16 9.97 12.95
C ASP E 85 -21.55 11.34 12.77
N SER E 86 -21.51 12.16 13.81
CA SER E 86 -20.86 13.47 13.74
C SER E 86 -19.36 13.25 13.54
N ALA E 87 -18.86 13.64 12.38
CA ALA E 87 -17.47 13.39 12.03
C ALA E 87 -17.14 14.26 10.83
N LEU E 88 -15.88 14.22 10.44
CA LEU E 88 -15.42 14.87 9.22
C LEU E 88 -15.29 13.77 8.16
N TYR E 89 -16.10 13.85 7.11
CA TYR E 89 -16.16 12.82 6.07
C TYR E 89 -15.33 13.26 4.88
N PHE E 90 -14.26 12.53 4.60
CA PHE E 90 -13.32 12.86 3.54
C PHE E 90 -13.53 11.98 2.32
N CYS E 91 -13.24 12.56 1.16
CA CYS E 91 -13.25 11.84 -0.10
C CYS E 91 -11.86 11.86 -0.70
N ALA E 92 -11.41 10.70 -1.19
CA ALA E 92 -10.10 10.58 -1.81
C ALA E 92 -10.25 9.96 -3.19
N SER E 93 -9.20 10.05 -3.99
CA SER E 93 -9.23 9.45 -5.31
C SER E 93 -7.80 9.14 -5.77
N SER E 94 -7.64 8.02 -6.46
CA SER E 94 -6.36 7.63 -7.05
C SER E 94 -6.59 7.27 -8.50
N VAL E 95 -5.50 7.23 -9.26
CA VAL E 95 -5.60 7.00 -10.70
C VAL E 95 -6.25 5.64 -10.98
N GLY E 96 -5.80 4.61 -10.28
CA GLY E 96 -6.39 3.29 -10.42
C GLY E 96 -6.37 2.54 -9.12
N THR E 97 -6.12 1.23 -9.18
CA THR E 97 -6.07 0.42 -7.97
C THR E 97 -4.66 -0.07 -7.70
N TYR E 98 -3.68 0.84 -7.76
CA TYR E 98 -2.28 0.47 -7.57
C TYR E 98 -1.92 0.50 -6.09
N SER E 99 -1.12 -0.48 -5.69
CA SER E 99 -0.61 -0.50 -4.32
C SER E 99 0.61 0.37 -4.13
N THR E 100 1.06 1.04 -5.19
CA THR E 100 2.33 1.75 -5.19
C THR E 100 2.19 3.27 -5.28
N ASP E 101 0.98 3.79 -5.36
CA ASP E 101 0.81 5.22 -5.61
C ASP E 101 -0.05 5.86 -4.53
N THR E 102 -0.36 7.14 -4.73
CA THR E 102 -0.91 8.00 -3.69
C THR E 102 -2.41 8.23 -3.91
N GLN E 103 -3.16 8.26 -2.81
CA GLN E 103 -4.52 8.76 -2.82
C GLN E 103 -4.51 10.25 -2.50
N TYR E 104 -5.33 11.01 -3.24
CA TYR E 104 -5.42 12.46 -3.09
C TYR E 104 -6.77 12.82 -2.48
N PHE E 105 -6.76 13.72 -1.50
CA PHE E 105 -7.92 13.97 -0.64
C PHE E 105 -8.56 15.32 -0.93
N GLY E 106 -9.88 15.37 -0.72
CA GLY E 106 -10.61 16.61 -0.78
C GLY E 106 -10.61 17.29 0.57
N PRO E 107 -11.26 18.45 0.68
CA PRO E 107 -11.24 19.19 1.95
C PRO E 107 -12.16 18.62 3.02
N GLY E 108 -13.05 17.69 2.66
CA GLY E 108 -13.89 17.04 3.64
C GLY E 108 -15.20 17.78 3.90
N THR E 109 -16.18 17.04 4.42
CA THR E 109 -17.48 17.58 4.81
C THR E 109 -17.68 17.32 6.30
N ARG E 110 -17.74 18.39 7.10
CA ARG E 110 -17.95 18.29 8.53
C ARG E 110 -19.44 18.17 8.82
N LEU E 111 -19.87 17.03 9.36
CA LEU E 111 -21.26 16.75 9.66
C LEU E 111 -21.51 16.79 11.15
N THR E 112 -22.57 17.47 11.55
CA THR E 112 -23.00 17.54 12.94
C THR E 112 -24.42 17.02 13.06
N VAL E 113 -24.62 16.02 13.91
CA VAL E 113 -25.92 15.43 14.17
C VAL E 113 -26.29 15.76 15.61
N LEU E 114 -27.51 16.27 15.81
CA LEU E 114 -27.97 16.71 17.11
C LEU E 114 -29.29 16.04 17.47
N GLU E 115 -29.52 15.87 18.77
CA GLU E 115 -30.79 15.32 19.22
C GLU E 115 -31.92 16.33 19.01
N ASP E 116 -31.71 17.57 19.44
CA ASP E 116 -32.68 18.64 19.24
C ASP E 116 -31.97 19.84 18.63
N LEU E 117 -32.66 20.52 17.71
CA LEU E 117 -32.10 21.64 16.99
C LEU E 117 -32.42 22.98 17.63
N LYS E 118 -33.02 22.97 18.83
CA LYS E 118 -33.29 24.22 19.53
C LYS E 118 -32.02 24.88 20.04
N ASN E 119 -30.94 24.11 20.19
CA ASN E 119 -29.66 24.66 20.64
C ASN E 119 -28.89 25.38 19.55
N VAL E 120 -29.44 25.51 18.34
CA VAL E 120 -28.73 26.10 17.22
C VAL E 120 -28.97 27.61 17.23
N PHE E 121 -27.89 28.37 17.36
CA PHE E 121 -27.93 29.83 17.33
C PHE E 121 -26.76 30.34 16.51
N PRO E 122 -26.95 31.43 15.78
CA PRO E 122 -25.83 32.08 15.09
C PRO E 122 -24.98 32.86 16.09
N PRO E 123 -23.77 33.24 15.72
CA PRO E 123 -22.92 34.01 16.63
C PRO E 123 -23.30 35.48 16.66
N GLU E 124 -22.92 36.13 17.74
CA GLU E 124 -23.00 37.57 17.88
C GLU E 124 -21.58 38.09 17.93
N VAL E 125 -21.20 38.87 16.92
CA VAL E 125 -19.81 39.23 16.68
C VAL E 125 -19.56 40.65 17.15
N ALA E 126 -18.45 40.86 17.85
CA ALA E 126 -18.05 42.17 18.33
C ALA E 126 -16.60 42.43 17.96
N VAL E 127 -16.29 43.70 17.72
CA VAL E 127 -14.93 44.14 17.41
C VAL E 127 -14.47 45.07 18.52
N PHE E 128 -13.26 44.84 19.02
CA PHE E 128 -12.69 45.61 20.12
C PHE E 128 -11.48 46.39 19.63
N GLU E 129 -11.48 47.69 19.88
CA GLU E 129 -10.45 48.60 19.38
C GLU E 129 -9.21 48.55 20.29
N PRO E 130 -8.03 48.79 19.72
CA PRO E 130 -6.79 48.61 20.49
C PRO E 130 -6.69 49.59 21.64
N SER E 131 -6.06 49.12 22.72
CA SER E 131 -5.82 49.97 23.88
C SER E 131 -4.85 51.09 23.50
N GLU E 132 -5.20 52.32 23.88
CA GLU E 132 -4.27 53.42 23.66
C GLU E 132 -3.01 53.25 24.49
N ALA E 133 -3.11 52.53 25.62
CA ALA E 133 -1.92 52.16 26.36
C ALA E 133 -1.00 51.28 25.52
N GLU E 134 -1.58 50.33 24.78
CA GLU E 134 -0.78 49.50 23.88
C GLU E 134 -0.14 50.35 22.78
N ILE E 135 -0.78 51.45 22.42
CA ILE E 135 -0.25 52.30 21.35
C ILE E 135 0.88 53.21 21.84
N SER E 136 0.98 53.45 23.15
CA SER E 136 2.10 54.24 23.64
C SER E 136 3.27 53.37 24.06
N HIS E 137 3.01 52.26 24.75
CA HIS E 137 4.07 51.36 25.17
C HIS E 137 4.79 50.77 23.96
N THR E 138 4.05 50.06 23.11
CA THR E 138 4.53 49.68 21.78
C THR E 138 3.89 50.60 20.76
N GLN E 139 4.49 50.67 19.58
CA GLN E 139 3.81 51.37 18.49
C GLN E 139 3.02 50.38 17.62
N LYS E 140 2.20 49.56 18.28
CA LYS E 140 1.37 48.58 17.60
C LYS E 140 -0.05 48.66 18.14
N ALA E 141 -0.98 48.13 17.33
CA ALA E 141 -2.41 48.21 17.62
C ALA E 141 -3.04 46.84 17.37
N THR E 142 -3.57 46.24 18.44
CA THR E 142 -4.16 44.91 18.37
C THR E 142 -5.67 45.02 18.48
N LEU E 143 -6.37 44.64 17.42
CA LEU E 143 -7.82 44.49 17.47
C LEU E 143 -8.16 43.08 17.93
N VAL E 144 -9.29 42.96 18.63
CA VAL E 144 -9.78 41.67 19.10
C VAL E 144 -11.22 41.52 18.64
N CYS E 145 -11.50 40.40 17.97
CA CYS E 145 -12.85 40.07 17.54
C CYS E 145 -13.37 38.92 18.39
N LEU E 146 -14.64 39.01 18.78
CA LEU E 146 -15.26 38.03 19.65
C LEU E 146 -16.59 37.60 19.05
N ALA E 147 -16.66 36.34 18.62
CA ALA E 147 -17.91 35.71 18.19
C ALA E 147 -18.43 34.87 19.35
N THR E 148 -19.62 35.21 19.83
CA THR E 148 -20.13 34.62 21.06
C THR E 148 -21.52 34.04 20.82
N GLY E 149 -21.88 33.08 21.67
CA GLY E 149 -23.22 32.54 21.72
C GLY E 149 -23.66 31.87 20.44
N PHE E 150 -22.85 30.94 19.94
CA PHE E 150 -23.21 30.20 18.74
C PHE E 150 -23.04 28.70 18.97
N TYR E 151 -23.90 27.93 18.29
CA TYR E 151 -23.87 26.47 18.33
C TYR E 151 -24.52 25.93 17.06
N PRO E 152 -23.94 24.91 16.40
CA PRO E 152 -22.67 24.23 16.71
C PRO E 152 -21.45 25.07 16.33
N ASP E 153 -20.25 24.51 16.38
CA ASP E 153 -19.00 25.26 16.15
C ASP E 153 -18.52 25.19 14.71
N HIS E 154 -19.43 25.35 13.74
CA HIS E 154 -19.06 25.44 12.33
C HIS E 154 -18.97 26.91 11.97
N VAL E 155 -17.80 27.50 12.22
CA VAL E 155 -17.58 28.92 11.96
C VAL E 155 -16.23 29.12 11.29
N GLU E 156 -16.14 30.18 10.50
CA GLU E 156 -14.89 30.59 9.85
C GLU E 156 -14.75 32.09 10.05
N LEU E 157 -13.74 32.49 10.79
CA LEU E 157 -13.50 33.91 11.05
C LEU E 157 -12.42 34.41 10.12
N SER E 158 -12.66 35.56 9.50
CA SER E 158 -11.70 36.18 8.61
C SER E 158 -11.71 37.69 8.83
N TRP E 159 -10.51 38.28 8.86
CA TRP E 159 -10.38 39.72 8.99
C TRP E 159 -10.31 40.36 7.61
N TRP E 160 -10.97 41.50 7.48
CA TRP E 160 -11.04 42.23 6.21
C TRP E 160 -10.66 43.67 6.47
N VAL E 161 -9.52 44.11 5.94
CA VAL E 161 -9.06 45.48 6.08
C VAL E 161 -9.19 46.14 4.72
N ASN E 162 -9.97 47.23 4.67
CA ASN E 162 -10.20 47.99 3.45
C ASN E 162 -10.70 47.11 2.31
N GLY E 163 -11.59 46.17 2.64
CA GLY E 163 -12.23 45.36 1.64
C GLY E 163 -11.47 44.14 1.17
N LYS E 164 -10.24 43.93 1.67
CA LYS E 164 -9.45 42.77 1.29
C LYS E 164 -9.14 41.95 2.54
N GLU E 165 -9.30 40.64 2.44
CA GLU E 165 -8.95 39.77 3.55
C GLU E 165 -7.44 39.77 3.76
N VAL E 166 -7.03 39.86 5.01
CA VAL E 166 -5.63 39.89 5.35
C VAL E 166 -5.34 38.71 6.27
N HIS E 167 -4.14 38.14 6.12
CA HIS E 167 -3.71 37.05 6.97
C HIS E 167 -2.43 37.35 7.73
N SER E 168 -1.64 38.32 7.29
CA SER E 168 -0.52 38.79 8.09
C SER E 168 -1.05 39.49 9.34
N GLY E 169 -0.43 39.20 10.48
CA GLY E 169 -0.86 39.80 11.72
C GLY E 169 -2.19 39.30 12.25
N VAL E 170 -2.65 38.15 11.77
CA VAL E 170 -3.93 37.56 12.18
C VAL E 170 -3.63 36.29 12.95
N CYS E 171 -4.33 36.12 14.08
CA CYS E 171 -4.28 34.88 14.84
C CYS E 171 -5.69 34.59 15.32
N THR E 172 -6.20 33.41 15.00
CA THR E 172 -7.51 32.97 15.47
C THR E 172 -7.32 31.70 16.28
N ASP E 173 -8.14 31.55 17.31
CA ASP E 173 -8.04 30.39 18.18
C ASP E 173 -8.29 29.11 17.37
N PRO E 174 -7.59 28.02 17.69
CA PRO E 174 -7.77 26.79 16.90
C PRO E 174 -9.10 26.10 17.14
N GLN E 175 -9.71 26.29 18.32
CA GLN E 175 -10.96 25.62 18.65
C GLN E 175 -11.82 26.50 19.53
N PRO E 176 -13.12 26.57 19.29
CA PRO E 176 -13.98 27.40 20.14
C PRO E 176 -14.10 26.80 21.53
N LEU E 177 -14.08 27.67 22.54
CA LEU E 177 -14.27 27.26 23.92
C LEU E 177 -15.73 27.37 24.32
N LYS E 178 -16.13 26.54 25.28
CA LYS E 178 -17.52 26.48 25.70
C LYS E 178 -17.82 27.54 26.76
N GLU E 179 -19.08 27.96 26.81
CA GLU E 179 -19.55 28.88 27.84
C GLU E 179 -20.00 28.12 29.09
N GLN E 180 -20.61 26.95 28.91
CA GLN E 180 -20.90 26.02 30.00
C GLN E 180 -20.12 24.76 29.68
N PRO E 181 -18.88 24.65 30.17
CA PRO E 181 -17.98 23.58 29.69
C PRO E 181 -18.49 22.18 29.96
N ALA E 182 -19.27 21.96 31.02
CA ALA E 182 -19.75 20.62 31.35
C ALA E 182 -20.96 20.19 30.53
N LEU E 183 -21.38 21.01 29.56
CA LEU E 183 -22.54 20.72 28.73
C LEU E 183 -22.08 20.48 27.29
N ASN E 184 -22.56 19.41 26.67
CA ASN E 184 -22.17 19.09 25.30
C ASN E 184 -23.03 19.78 24.26
N ASP E 185 -24.14 20.40 24.65
CA ASP E 185 -24.96 21.25 23.78
C ASP E 185 -24.90 22.72 24.20
N SER E 186 -23.77 23.13 24.79
CA SER E 186 -23.59 24.50 25.24
C SER E 186 -23.10 25.38 24.12
N ARG E 187 -23.40 26.67 24.22
CA ARG E 187 -22.97 27.63 23.22
C ARG E 187 -21.44 27.68 23.16
N TYR E 188 -20.93 28.24 22.07
CA TYR E 188 -19.50 28.37 21.86
C TYR E 188 -19.13 29.84 21.74
N ALA E 189 -17.84 30.11 21.91
CA ALA E 189 -17.26 31.43 21.71
C ALA E 189 -15.91 31.29 21.03
N LEU E 190 -15.58 32.26 20.18
CA LEU E 190 -14.32 32.25 19.45
C LEU E 190 -13.76 33.66 19.37
N SER E 191 -12.46 33.79 19.67
CA SER E 191 -11.77 35.07 19.63
C SER E 191 -10.70 35.05 18.55
N SER E 192 -10.35 36.25 18.09
CA SER E 192 -9.34 36.42 17.04
C SER E 192 -8.68 37.78 17.18
N ARG E 193 -7.40 37.84 16.87
CA ARG E 193 -6.61 39.06 17.03
C ARG E 193 -6.07 39.50 15.67
N LEU E 194 -6.09 40.81 15.45
CA LEU E 194 -5.52 41.43 14.27
C LEU E 194 -4.58 42.54 14.77
N ARG E 195 -3.28 42.34 14.63
CA ARG E 195 -2.31 43.32 15.08
C ARG E 195 -1.73 44.04 13.89
N VAL E 196 -1.84 45.37 13.88
CA VAL E 196 -1.26 46.20 12.84
C VAL E 196 -0.32 47.22 13.48
N SER E 197 0.30 48.06 12.67
CA SER E 197 1.13 49.13 13.19
C SER E 197 0.24 50.26 13.71
N ALA E 198 0.72 50.94 14.77
CA ALA E 198 -0.05 52.03 15.35
C ALA E 198 -0.34 53.11 14.31
N THR E 199 0.61 53.39 13.42
CA THR E 199 0.37 54.37 12.37
C THR E 199 -0.73 53.92 11.42
N PHE E 200 -0.89 52.61 11.24
CA PHE E 200 -1.93 52.11 10.35
C PHE E 200 -3.31 52.19 11.02
N TRP E 201 -3.38 51.96 12.34
CA TRP E 201 -4.65 52.11 13.03
C TRP E 201 -5.04 53.57 13.20
N GLN E 202 -4.08 54.43 13.52
CA GLN E 202 -4.40 55.83 13.74
C GLN E 202 -4.70 56.59 12.46
N ASN E 203 -4.93 55.89 11.35
CA ASN E 203 -5.36 56.48 10.08
C ASN E 203 -6.84 56.19 9.89
N PRO E 204 -7.74 57.14 10.17
CA PRO E 204 -9.18 56.84 10.14
C PRO E 204 -9.74 56.47 8.79
N ARG E 205 -8.97 56.51 7.71
CA ARG E 205 -9.45 56.07 6.40
C ARG E 205 -9.28 54.56 6.20
N ASN E 206 -8.83 53.83 7.22
CA ASN E 206 -8.71 52.39 7.17
C ASN E 206 -9.92 51.74 7.82
N HIS E 207 -10.56 50.83 7.08
CA HIS E 207 -11.73 50.12 7.56
C HIS E 207 -11.33 48.72 8.00
N PHE E 208 -11.69 48.36 9.23
CA PHE E 208 -11.43 47.03 9.77
C PHE E 208 -12.76 46.32 9.99
N ARG E 209 -12.85 45.08 9.49
CA ARG E 209 -14.07 44.28 9.62
C ARG E 209 -13.71 42.86 10.04
N CYS E 210 -14.47 42.33 10.98
CA CYS E 210 -14.37 40.95 11.41
C CYS E 210 -15.58 40.21 10.84
N GLN E 211 -15.34 39.16 10.06
CA GLN E 211 -16.39 38.43 9.38
C GLN E 211 -16.35 36.98 9.84
N VAL E 212 -17.47 36.52 10.39
CA VAL E 212 -17.62 35.13 10.81
C VAL E 212 -18.65 34.49 9.89
N GLN E 213 -18.24 33.45 9.17
CA GLN E 213 -19.15 32.66 8.37
C GLN E 213 -19.70 31.54 9.24
N PHE E 214 -21.01 31.55 9.48
CA PHE E 214 -21.67 30.55 10.30
C PHE E 214 -22.42 29.57 9.42
N TYR E 215 -22.30 28.28 9.73
CA TYR E 215 -23.01 27.23 9.04
C TYR E 215 -24.05 26.66 9.99
N GLY E 216 -25.33 26.74 9.59
CA GLY E 216 -26.39 26.30 10.46
C GLY E 216 -27.30 25.25 9.86
N LEU E 217 -28.60 25.43 10.01
CA LEU E 217 -29.55 24.47 9.46
C LEU E 217 -29.75 24.71 7.98
N SER E 218 -30.08 23.64 7.27
CA SER E 218 -30.28 23.72 5.82
C SER E 218 -31.76 23.52 5.49
N GLU E 219 -32.03 23.35 4.20
CA GLU E 219 -33.40 23.16 3.74
C GLU E 219 -34.00 21.82 4.17
N ASN E 220 -33.18 20.80 4.43
CA ASN E 220 -33.70 19.49 4.81
C ASN E 220 -34.13 19.42 6.28
N ASP E 221 -34.20 20.56 6.97
CA ASP E 221 -34.62 20.61 8.37
C ASP E 221 -35.74 21.61 8.52
N GLU E 222 -36.88 21.14 9.05
CA GLU E 222 -38.03 22.02 9.27
C GLU E 222 -37.82 22.84 10.54
N TRP E 223 -38.43 24.03 10.57
CA TRP E 223 -38.25 24.98 11.67
C TRP E 223 -39.62 25.46 12.14
N THR E 224 -40.08 24.92 13.27
CA THR E 224 -41.36 25.27 13.87
C THR E 224 -41.06 25.92 15.22
N GLN E 225 -40.63 27.18 15.19
CA GLN E 225 -40.22 27.88 16.39
C GLN E 225 -40.25 29.37 16.10
N ASP E 226 -40.29 30.17 17.18
CA ASP E 226 -40.39 31.63 17.04
C ASP E 226 -39.08 32.23 16.57
N ARG E 227 -37.98 31.86 17.22
CA ARG E 227 -36.66 32.38 16.88
C ARG E 227 -36.39 32.25 15.38
N ALA E 228 -35.79 33.30 14.81
CA ALA E 228 -35.38 33.27 13.41
C ALA E 228 -34.56 32.02 13.14
N LYS E 229 -34.85 31.37 12.01
CA LYS E 229 -34.23 30.09 11.67
C LYS E 229 -32.72 30.26 11.57
N PRO E 230 -31.94 29.62 12.47
CA PRO E 230 -30.48 29.77 12.43
C PRO E 230 -29.86 29.08 11.22
N VAL E 231 -29.88 29.77 10.07
CA VAL E 231 -29.37 29.21 8.83
C VAL E 231 -27.92 29.61 8.63
N THR E 232 -27.32 29.14 7.54
CA THR E 232 -25.99 29.57 7.16
C THR E 232 -26.01 31.04 6.78
N GLN E 233 -25.19 31.85 7.46
CA GLN E 233 -25.22 33.29 7.29
C GLN E 233 -23.88 33.87 7.72
N ILE E 234 -23.66 35.12 7.35
CA ILE E 234 -22.46 35.86 7.71
C ILE E 234 -22.84 36.95 8.70
N VAL E 235 -22.19 36.97 9.85
CA VAL E 235 -22.39 38.00 10.87
C VAL E 235 -21.06 38.71 11.06
N SER E 236 -21.09 40.04 11.04
CA SER E 236 -19.87 40.82 11.01
C SER E 236 -19.93 41.97 12.00
N ALA E 237 -18.76 42.35 12.52
CA ALA E 237 -18.58 43.59 13.25
C ALA E 237 -17.44 44.37 12.60
N GLU E 238 -17.45 45.68 12.80
CA GLU E 238 -16.50 46.52 12.09
C GLU E 238 -16.09 47.70 12.96
N ALA E 239 -15.05 48.40 12.50
CA ALA E 239 -14.53 49.59 13.17
C ALA E 239 -13.56 50.28 12.21
N TRP E 240 -13.37 51.58 12.43
CA TRP E 240 -12.46 52.40 11.64
C TRP E 240 -11.28 52.84 12.50
N GLY E 241 -10.38 53.62 11.89
CA GLY E 241 -9.22 54.12 12.60
C GLY E 241 -9.54 55.27 13.54
N ARG E 242 -8.62 55.50 14.48
CA ARG E 242 -8.78 56.52 15.51
C ARG E 242 -7.51 57.36 15.58
N ALA E 243 -7.65 58.64 15.28
CA ALA E 243 -6.52 59.57 15.33
C ALA E 243 -5.97 59.72 16.75
C1 GOL F . -23.76 0.51 0.05
O1 GOL F . -23.04 1.01 -1.04
C2 GOL F . -22.86 -0.57 0.72
O2 GOL F . -23.29 -0.85 2.03
C3 GOL F . -22.95 -1.81 -0.22
O3 GOL F . -21.82 -2.60 -0.01
#